data_6E8F
#
_entry.id   6E8F
#
_cell.length_a   95.735
_cell.length_b   95.906
_cell.length_c   258.604
_cell.angle_alpha   90.00
_cell.angle_beta   90.00
_cell.angle_gamma   90.00
#
_symmetry.space_group_name_H-M   'P 2 2 21'
#
loop_
_entity.id
_entity.type
_entity.pdbx_description
1 polymer Protocadherin-15
2 non-polymer 'CALCIUM ION'
3 non-polymer 'SODIUM ION'
4 water water
#
_entity_poly.entity_id   1
_entity_poly.type   'polypeptide(L)'
_entity_poly.pdbx_seq_one_letter_code
;MPMFLPCVLVPNTRDCRPLTYQAAIPELRTPEELNPIIVTPPIQAIDQDRNIQPPSDRPGILYSILVGTPEDYPRFFHMH
PRTAELSLLEPVNRDFHQKFDLVIKAEQDNGHPLPAFAGLHIEILDENNQSPYFTMPSYQGYILESAPVGATISDSLNLT
SPLRIVALDKDIEDVPPSGVPTKDPELHLFLNDYTSVFTVTQTGITRYLTLLQPVDREEQQTYTFSITAFDGVQESEPVI
VNIQVMDANDNTPTFPEISYDVYVYTDMRPGDSVIQLTAVDADEGSNGEITYEILVGAQGDFIINKTTGLITIAPGVEMI
VGRTYALTVQAADNAPPAERRNSICTVYIEVLPPLEHHHHHH
;
_entity_poly.pdbx_strand_id   A,C,B
#
loop_
_chem_comp.id
_chem_comp.type
_chem_comp.name
_chem_comp.formula
CA non-polymer 'CALCIUM ION' 'Ca 2'
NA non-polymer 'SODIUM ION' 'Na 1'
#
# COMPACT_ATOMS: atom_id res chain seq x y z
N PRO A 2 -37.77 21.30 40.60
CA PRO A 2 -37.28 20.04 40.05
C PRO A 2 -35.92 20.20 39.38
N MET A 3 -35.29 19.08 38.99
CA MET A 3 -34.02 19.09 38.26
C MET A 3 -34.00 17.92 37.27
N PHE A 4 -33.27 18.08 36.17
CA PHE A 4 -33.32 17.21 34.99
C PHE A 4 -32.50 15.93 35.22
N LEU A 5 -32.92 14.84 34.57
CA LEU A 5 -32.21 13.55 34.57
C LEU A 5 -31.44 13.38 33.26
N PRO A 6 -30.23 12.81 33.32
CA PRO A 6 -29.59 12.36 34.53
C PRO A 6 -28.81 13.49 35.22
N CYS A 7 -28.67 13.41 36.55
CA CYS A 7 -27.85 14.36 37.29
C CYS A 7 -26.47 13.76 37.57
N VAL A 8 -25.40 14.48 37.18
CA VAL A 8 -24.02 14.01 37.27
C VAL A 8 -23.21 15.07 38.02
N LEU A 9 -22.86 14.76 39.28
CA LEU A 9 -22.24 15.75 40.18
C LEU A 9 -21.01 16.38 39.52
N VAL A 10 -20.94 17.71 39.62
CA VAL A 10 -19.70 18.45 39.43
C VAL A 10 -18.77 18.02 40.55
N PRO A 11 -17.57 17.47 40.24
CA PRO A 11 -16.61 17.06 41.26
C PRO A 11 -16.50 18.01 42.46
N ASN A 12 -16.59 17.44 43.67
CA ASN A 12 -16.27 18.09 44.94
C ASN A 12 -17.31 19.16 45.30
N THR A 13 -18.55 18.95 44.85
CA THR A 13 -19.67 19.84 45.17
C THR A 13 -20.98 19.07 44.96
N ARG A 14 -22.10 19.78 45.08
CA ARG A 14 -23.43 19.17 45.13
C ARG A 14 -24.31 19.69 43.97
N ASP A 15 -23.71 20.34 42.96
CA ASP A 15 -24.40 20.77 41.73
C ASP A 15 -24.35 19.63 40.70
N CYS A 16 -25.42 19.50 39.90
CA CYS A 16 -25.41 18.64 38.69
C CYS A 16 -24.62 19.37 37.59
N ARG A 17 -24.03 18.57 36.69
CA ARG A 17 -23.30 19.10 35.58
C ARG A 17 -24.32 19.69 34.61
N PRO A 18 -24.06 20.92 34.10
CA PRO A 18 -24.82 21.45 32.95
C PRO A 18 -25.03 20.33 31.93
N LEU A 19 -26.29 19.96 31.74
CA LEU A 19 -26.65 18.81 30.92
C LEU A 19 -27.19 19.32 29.58
N THR A 20 -26.85 18.60 28.49
CA THR A 20 -27.22 19.01 27.12
C THR A 20 -27.76 17.81 26.34
N TYR A 21 -29.06 17.83 26.05
CA TYR A 21 -29.73 16.79 25.28
C TYR A 21 -29.36 16.92 23.79
N GLN A 22 -29.52 15.82 23.05
CA GLN A 22 -29.10 15.75 21.65
C GLN A 22 -30.22 15.14 20.82
N ALA A 23 -30.50 15.77 19.68
CA ALA A 23 -31.35 15.23 18.66
C ALA A 23 -30.73 15.54 17.30
N ALA A 24 -31.20 14.84 16.26
CA ALA A 24 -30.75 15.02 14.90
C ALA A 24 -31.87 14.61 13.93
N ILE A 25 -31.88 15.23 12.76
CA ILE A 25 -33.03 15.19 11.89
C ILE A 25 -32.55 15.24 10.45
N PRO A 26 -33.07 14.37 9.56
CA PRO A 26 -32.92 14.57 8.12
C PRO A 26 -33.53 15.90 7.68
N GLU A 27 -32.90 16.55 6.71
CA GLU A 27 -33.49 17.73 6.14
C GLU A 27 -34.66 17.32 5.24
N LEU A 28 -35.37 18.32 4.72
CA LEU A 28 -36.49 18.21 3.77
C LEU A 28 -37.29 16.91 3.99
N ARG A 29 -37.68 16.64 5.24
CA ARG A 29 -38.62 15.57 5.53
C ARG A 29 -39.63 16.08 6.56
N THR A 30 -40.81 15.46 6.55
CA THR A 30 -42.02 16.11 7.03
C THR A 30 -42.29 15.81 8.50
N PRO A 31 -42.99 16.72 9.21
CA PRO A 31 -43.48 16.44 10.55
C PRO A 31 -43.98 14.99 10.69
N GLU A 32 -44.93 14.59 9.83
CA GLU A 32 -45.58 13.28 9.92
C GLU A 32 -44.54 12.16 9.95
N GLU A 33 -43.58 12.21 9.01
CA GLU A 33 -42.56 11.19 8.87
C GLU A 33 -41.74 11.01 10.17
N LEU A 34 -41.23 12.11 10.74
CA LEU A 34 -40.19 12.04 11.79
C LEU A 34 -40.76 12.12 13.21
N ASN A 35 -41.99 12.60 13.37
CA ASN A 35 -42.54 12.78 14.72
C ASN A 35 -42.95 11.43 15.30
N PRO A 36 -42.58 11.16 16.55
CA PRO A 36 -41.89 12.09 17.43
C PRO A 36 -40.37 12.07 17.24
N ILE A 37 -39.73 13.24 17.44
CA ILE A 37 -38.28 13.40 17.36
C ILE A 37 -37.64 12.85 18.63
N ILE A 38 -36.56 12.08 18.47
CA ILE A 38 -36.02 11.28 19.55
C ILE A 38 -34.85 12.06 20.16
N VAL A 39 -34.76 12.02 21.50
CA VAL A 39 -33.81 12.81 22.25
C VAL A 39 -33.01 11.87 23.17
N THR A 40 -31.69 11.90 23.00
CA THR A 40 -30.76 11.19 23.86
C THR A 40 -30.15 12.16 24.86
N PRO A 41 -30.12 11.82 26.17
CA PRO A 41 -31.04 10.85 26.77
C PRO A 41 -32.47 11.39 26.81
N PRO A 42 -33.49 10.54 27.01
CA PRO A 42 -34.86 11.02 27.18
C PRO A 42 -34.87 12.25 28.11
N ILE A 43 -35.56 13.31 27.68
CA ILE A 43 -35.80 14.46 28.51
C ILE A 43 -36.76 14.04 29.62
N GLN A 44 -36.30 14.16 30.87
CA GLN A 44 -37.16 13.96 32.02
C GLN A 44 -36.64 14.86 33.14
N ALA A 45 -37.55 15.36 33.97
CA ALA A 45 -37.23 16.07 35.21
C ALA A 45 -38.05 15.48 36.36
N ILE A 46 -37.57 15.66 37.60
CA ILE A 46 -38.12 14.98 38.77
C ILE A 46 -38.07 15.92 39.99
N ASP A 47 -38.99 15.72 40.94
CA ASP A 47 -39.05 16.44 42.23
C ASP A 47 -38.37 15.63 43.34
N GLN A 48 -37.77 16.33 44.31
CA GLN A 48 -36.90 15.75 45.33
C GLN A 48 -36.97 16.59 46.62
N PRO A 59 -46.41 19.96 42.46
CA PRO A 59 -46.35 18.51 42.31
C PRO A 59 -46.22 18.04 40.85
N GLY A 60 -46.98 18.67 39.94
CA GLY A 60 -46.86 18.42 38.49
C GLY A 60 -45.76 19.28 37.87
N ILE A 61 -45.26 18.87 36.69
CA ILE A 61 -44.06 19.47 36.03
C ILE A 61 -44.46 20.05 34.67
N LEU A 62 -43.83 21.17 34.28
CA LEU A 62 -44.10 21.85 33.01
C LEU A 62 -42.80 21.99 32.20
N TYR A 63 -42.83 21.48 30.97
CA TYR A 63 -41.71 21.51 30.06
C TYR A 63 -41.97 22.56 28.97
N SER A 64 -40.95 23.41 28.73
CA SER A 64 -41.05 24.51 27.78
C SER A 64 -39.71 24.68 27.04
N ILE A 65 -39.70 25.62 26.08
CA ILE A 65 -38.49 26.14 25.49
C ILE A 65 -38.41 27.63 25.84
N LEU A 66 -37.40 28.02 26.62
CA LEU A 66 -37.18 29.43 26.97
C LEU A 66 -36.75 30.23 25.75
N VAL A 67 -35.65 29.81 25.12
CA VAL A 67 -34.89 30.63 24.18
C VAL A 67 -34.05 29.68 23.33
N GLY A 68 -33.51 30.20 22.21
CA GLY A 68 -32.51 29.49 21.45
C GLY A 68 -32.03 30.28 20.23
N THR A 69 -30.97 29.76 19.63
CA THR A 69 -30.37 30.29 18.41
C THR A 69 -30.46 29.20 17.34
N PRO A 70 -30.66 29.53 16.04
CA PRO A 70 -31.32 30.76 15.59
C PRO A 70 -32.69 31.07 16.20
N GLU A 71 -33.09 32.35 16.08
CA GLU A 71 -34.23 32.91 16.78
C GLU A 71 -35.54 32.40 16.17
N ASP A 72 -35.47 31.69 15.03
CA ASP A 72 -36.67 31.11 14.42
C ASP A 72 -36.88 29.67 14.90
N TYR A 73 -36.24 29.28 16.01
CA TYR A 73 -36.48 27.95 16.56
C TYR A 73 -37.99 27.66 16.61
N PRO A 74 -38.87 28.61 17.01
CA PRO A 74 -40.31 28.33 17.12
C PRO A 74 -41.04 28.05 15.80
N ARG A 75 -40.42 28.36 14.67
CA ARG A 75 -40.98 28.02 13.35
C ARG A 75 -41.06 26.50 13.19
N PHE A 76 -40.08 25.77 13.75
CA PHE A 76 -39.86 24.34 13.45
C PHE A 76 -40.17 23.43 14.66
N PHE A 77 -39.97 23.92 15.90
CA PHE A 77 -40.04 23.05 17.05
C PHE A 77 -41.14 23.49 18.02
N HIS A 78 -42.02 22.54 18.38
CA HIS A 78 -42.90 22.64 19.51
C HIS A 78 -42.62 21.50 20.50
N MET A 79 -42.71 21.81 21.80
CA MET A 79 -42.49 20.82 22.88
C MET A 79 -43.80 20.62 23.68
N HIS A 80 -44.32 19.39 23.69
CA HIS A 80 -45.49 19.08 24.52
C HIS A 80 -45.15 19.34 26.00
N PRO A 81 -45.97 20.10 26.74
CA PRO A 81 -45.58 20.57 28.07
C PRO A 81 -45.69 19.62 29.28
N ARG A 82 -46.31 18.44 29.13
CA ARG A 82 -46.42 17.50 30.24
C ARG A 82 -45.44 16.33 30.04
N THR A 83 -45.38 15.80 28.81
CA THR A 83 -44.46 14.71 28.42
C THR A 83 -43.05 15.26 28.07
N ALA A 84 -42.98 16.48 27.53
CA ALA A 84 -41.71 17.08 27.03
C ALA A 84 -41.39 16.58 25.62
N GLU A 85 -42.31 15.82 25.02
CA GLU A 85 -42.15 15.33 23.67
C GLU A 85 -41.92 16.52 22.74
N LEU A 86 -41.02 16.34 21.78
CA LEU A 86 -40.59 17.35 20.81
C LEU A 86 -41.19 17.01 19.44
N SER A 87 -41.80 18.01 18.80
CA SER A 87 -42.39 17.87 17.47
C SER A 87 -41.73 18.83 16.49
N LEU A 88 -41.75 18.44 15.21
CA LEU A 88 -41.33 19.23 14.09
C LEU A 88 -42.59 19.80 13.42
N LEU A 89 -42.59 21.09 13.07
CA LEU A 89 -43.76 21.77 12.49
C LEU A 89 -43.64 21.95 10.98
N GLU A 90 -42.42 21.92 10.46
CA GLU A 90 -42.13 22.21 9.06
C GLU A 90 -40.93 21.37 8.64
N PRO A 91 -40.83 20.94 7.37
CA PRO A 91 -39.57 20.43 6.83
C PRO A 91 -38.47 21.48 7.05
N VAL A 92 -37.22 21.01 7.12
CA VAL A 92 -36.07 21.84 7.46
C VAL A 92 -35.10 21.78 6.29
N ASN A 93 -34.83 22.93 5.68
CA ASN A 93 -33.98 23.00 4.51
C ASN A 93 -32.57 23.35 5.00
N ARG A 94 -31.61 22.44 4.80
CA ARG A 94 -30.31 22.52 5.50
C ARG A 94 -29.45 23.62 4.88
N ASP A 95 -29.75 23.96 3.62
CA ASP A 95 -29.19 25.15 2.95
C ASP A 95 -29.30 26.39 3.87
N PHE A 96 -30.44 26.56 4.54
CA PHE A 96 -30.70 27.74 5.38
C PHE A 96 -30.53 27.45 6.88
N HIS A 97 -30.76 26.20 7.32
CA HIS A 97 -30.84 25.85 8.76
C HIS A 97 -30.04 24.55 9.02
N GLN A 98 -29.08 24.59 9.95
CA GLN A 98 -28.11 23.50 10.09
C GLN A 98 -28.09 22.91 11.50
N LYS A 99 -28.18 23.78 12.50
CA LYS A 99 -28.25 23.36 13.88
C LYS A 99 -29.19 24.32 14.61
N PHE A 100 -29.62 23.88 15.80
CA PHE A 100 -30.39 24.66 16.72
C PHE A 100 -29.88 24.38 18.14
N ASP A 101 -29.55 25.44 18.87
CA ASP A 101 -29.21 25.35 20.30
C ASP A 101 -30.33 26.02 21.10
N LEU A 102 -31.01 25.20 21.91
CA LEU A 102 -32.15 25.63 22.70
C LEU A 102 -31.80 25.55 24.18
N VAL A 103 -32.61 26.23 25.01
CA VAL A 103 -32.58 26.08 26.44
C VAL A 103 -33.97 25.58 26.86
N ILE A 104 -34.03 24.31 27.22
CA ILE A 104 -35.25 23.69 27.71
C ILE A 104 -35.41 24.07 29.18
N LYS A 105 -36.66 24.24 29.62
CA LYS A 105 -36.97 24.57 31.00
C LYS A 105 -38.00 23.57 31.54
N ALA A 106 -37.87 23.29 32.84
CA ALA A 106 -38.80 22.47 33.57
C ALA A 106 -39.04 23.16 34.92
N GLU A 107 -40.32 23.25 35.31
CA GLU A 107 -40.74 24.00 36.50
C GLU A 107 -41.95 23.31 37.14
N GLN A 108 -42.24 23.69 38.40
CA GLN A 108 -43.45 23.26 39.12
C GLN A 108 -44.64 24.10 38.64
N ASP A 109 -45.79 23.44 38.47
CA ASP A 109 -47.04 24.10 38.08
C ASP A 109 -47.63 24.86 39.28
N ASN A 110 -46.82 25.03 40.35
CA ASN A 110 -47.11 25.93 41.48
C ASN A 110 -46.80 27.37 41.08
N GLY A 111 -47.28 28.32 41.91
CA GLY A 111 -46.95 29.74 41.81
C GLY A 111 -45.52 30.05 42.25
N HIS A 112 -44.96 29.18 43.10
CA HIS A 112 -43.54 29.22 43.49
C HIS A 112 -42.79 28.09 42.78
N PRO A 113 -42.21 28.34 41.58
CA PRO A 113 -41.36 27.36 40.91
C PRO A 113 -39.93 27.36 41.44
N LEU A 114 -39.24 26.23 41.25
CA LEU A 114 -37.85 26.05 41.63
C LEU A 114 -37.12 25.55 40.38
N PRO A 115 -37.13 26.36 39.30
CA PRO A 115 -36.98 25.85 37.94
C PRO A 115 -35.58 25.33 37.62
N ALA A 116 -35.50 24.57 36.53
CA ALA A 116 -34.28 23.93 36.10
C ALA A 116 -34.09 24.19 34.61
N PHE A 117 -32.84 24.16 34.17
CA PHE A 117 -32.50 24.41 32.81
C PHE A 117 -31.56 23.31 32.30
N ALA A 118 -31.75 22.94 31.02
CA ALA A 118 -30.84 22.14 30.27
C ALA A 118 -30.80 22.69 28.85
N GLY A 119 -29.73 22.37 28.12
CA GLY A 119 -29.60 22.66 26.71
C GLY A 119 -30.21 21.55 25.89
N LEU A 120 -30.47 21.85 24.61
CA LEU A 120 -30.89 20.87 23.67
C LEU A 120 -30.30 21.26 22.31
N HIS A 121 -29.27 20.52 21.88
CA HIS A 121 -28.69 20.67 20.59
C HIS A 121 -29.48 19.81 19.59
N ILE A 122 -29.88 20.44 18.49
CA ILE A 122 -30.52 19.77 17.39
C ILE A 122 -29.62 19.92 16.16
N GLU A 123 -29.20 18.79 15.61
CA GLU A 123 -28.39 18.73 14.39
C GLU A 123 -29.28 18.39 13.20
N ILE A 124 -29.39 19.31 12.25
CA ILE A 124 -30.00 19.02 10.96
C ILE A 124 -28.95 18.29 10.14
N LEU A 125 -29.38 17.25 9.42
CA LEU A 125 -28.47 16.36 8.71
C LEU A 125 -28.78 16.41 7.21
N ASP A 126 -27.69 16.42 6.40
CA ASP A 126 -27.69 16.03 4.98
C ASP A 126 -27.77 14.49 4.94
N GLU A 127 -28.85 13.95 4.38
CA GLU A 127 -29.07 12.51 4.36
C GLU A 127 -28.43 11.95 3.07
N ASN A 128 -27.93 10.70 3.17
CA ASN A 128 -26.98 10.11 2.23
C ASN A 128 -27.71 9.63 0.97
N ASN A 129 -28.39 10.55 0.30
CA ASN A 129 -29.30 10.28 -0.83
C ASN A 129 -28.67 10.65 -2.17
N GLN A 130 -27.38 11.02 -2.19
CA GLN A 130 -26.66 11.32 -3.44
C GLN A 130 -25.49 10.36 -3.60
N SER A 131 -25.27 9.89 -4.84
CA SER A 131 -24.23 8.90 -5.11
C SER A 131 -22.95 9.60 -5.52
N PRO A 132 -21.75 9.10 -5.15
CA PRO A 132 -20.51 9.85 -5.35
C PRO A 132 -20.12 9.85 -6.83
N TYR A 133 -19.18 10.73 -7.14
CA TYR A 133 -18.73 10.96 -8.46
C TYR A 133 -17.21 11.10 -8.41
N PHE A 134 -16.56 10.86 -9.56
CA PHE A 134 -15.16 11.14 -9.76
C PHE A 134 -15.04 12.48 -10.49
N THR A 135 -14.03 13.25 -10.09
CA THR A 135 -13.83 14.59 -10.58
C THR A 135 -13.31 14.59 -12.01
N MET A 136 -13.11 13.40 -12.62
CA MET A 136 -12.51 13.27 -13.97
C MET A 136 -13.27 12.20 -14.76
N PRO A 137 -13.33 12.31 -16.09
CA PRO A 137 -14.17 11.41 -16.90
C PRO A 137 -13.50 10.06 -17.14
N SER A 138 -12.20 9.96 -16.78
CA SER A 138 -11.37 8.79 -17.02
C SER A 138 -9.96 9.03 -16.49
N TYR A 139 -9.18 7.94 -16.43
CA TYR A 139 -7.85 7.94 -15.89
C TYR A 139 -6.94 7.17 -16.84
N GLN A 140 -5.72 7.71 -17.03
CA GLN A 140 -4.73 7.18 -17.95
C GLN A 140 -3.40 7.13 -17.19
N GLY A 141 -3.06 5.93 -16.70
CA GLY A 141 -1.90 5.69 -15.86
C GLY A 141 -0.83 4.91 -16.60
N TYR A 142 0.38 4.86 -15.99
CA TYR A 142 1.60 4.26 -16.54
C TYR A 142 2.41 3.58 -15.43
N ILE A 143 3.06 2.47 -15.76
CA ILE A 143 3.99 1.76 -14.88
C ILE A 143 5.01 1.02 -15.76
N LEU A 144 6.23 0.82 -15.24
CA LEU A 144 7.36 0.12 -15.92
C LEU A 144 7.25 -1.39 -15.64
N GLU A 145 7.42 -2.25 -16.65
CA GLU A 145 7.29 -3.70 -16.40
C GLU A 145 8.28 -4.11 -15.33
N SER A 146 9.34 -3.30 -15.15
CA SER A 146 10.44 -3.59 -14.22
C SER A 146 10.09 -3.28 -12.76
N ALA A 147 8.93 -2.64 -12.48
CA ALA A 147 8.61 -2.15 -11.12
C ALA A 147 8.26 -3.29 -10.16
N PRO A 148 8.56 -3.14 -8.85
CA PRO A 148 8.15 -4.13 -7.86
C PRO A 148 6.69 -4.03 -7.39
N VAL A 149 6.17 -5.14 -6.89
CA VAL A 149 5.05 -5.21 -5.98
C VAL A 149 5.15 -4.01 -5.04
N GLY A 150 4.03 -3.30 -4.80
CA GLY A 150 4.01 -2.08 -3.95
C GLY A 150 4.15 -0.78 -4.74
N ALA A 151 4.70 -0.84 -5.95
CA ALA A 151 5.03 0.37 -6.71
C ALA A 151 3.75 1.06 -7.17
N THR A 152 3.85 2.32 -7.60
CA THR A 152 2.68 3.20 -7.69
C THR A 152 2.47 3.68 -9.13
N ILE A 153 1.26 3.43 -9.65
CA ILE A 153 0.93 3.82 -11.01
C ILE A 153 1.19 5.32 -11.15
N SER A 154 1.69 5.76 -12.30
CA SER A 154 2.09 7.15 -12.52
C SER A 154 1.17 7.78 -13.56
N ASP A 155 1.20 9.12 -13.67
CA ASP A 155 0.22 9.81 -14.51
C ASP A 155 0.79 10.07 -15.91
N SER A 156 2.10 9.88 -16.09
CA SER A 156 2.79 10.26 -17.35
C SER A 156 3.94 9.28 -17.67
N LEU A 157 4.47 9.42 -18.89
CA LEU A 157 5.58 8.60 -19.41
C LEU A 157 6.85 8.82 -18.58
N ASN A 158 6.91 9.89 -17.77
CA ASN A 158 8.09 10.26 -17.01
C ASN A 158 8.19 9.47 -15.69
N LEU A 159 7.06 8.89 -15.26
CA LEU A 159 6.97 8.08 -14.04
C LEU A 159 7.46 8.85 -12.80
N THR A 160 7.06 10.12 -12.69
CA THR A 160 7.51 11.01 -11.59
C THR A 160 6.33 11.31 -10.66
N SER A 161 5.24 11.86 -11.21
CA SER A 161 3.98 12.05 -10.47
C SER A 161 3.22 10.72 -10.37
N PRO A 162 2.62 10.43 -9.21
CA PRO A 162 1.65 9.35 -9.09
C PRO A 162 0.26 9.76 -9.64
N LEU A 163 -0.44 8.80 -10.24
CA LEU A 163 -1.83 8.95 -10.68
C LEU A 163 -2.75 9.17 -9.47
N ARG A 164 -3.48 10.29 -9.51
CA ARG A 164 -4.33 10.75 -8.43
C ARG A 164 -5.80 10.53 -8.84
N ILE A 165 -6.57 9.90 -7.95
CA ILE A 165 -7.95 9.60 -8.20
C ILE A 165 -8.79 10.22 -7.08
N VAL A 166 -9.58 11.24 -7.44
CA VAL A 166 -10.35 12.01 -6.48
C VAL A 166 -11.84 11.72 -6.71
N ALA A 167 -12.51 11.26 -5.66
CA ALA A 167 -13.92 10.97 -5.69
C ALA A 167 -14.60 11.65 -4.49
N LEU A 168 -15.69 12.39 -4.76
CA LEU A 168 -16.38 13.21 -3.75
C LEU A 168 -17.86 12.82 -3.69
N ASP A 169 -18.56 13.31 -2.66
CA ASP A 169 -19.97 13.01 -2.39
C ASP A 169 -20.64 14.32 -1.93
N LYS A 170 -21.66 14.76 -2.67
CA LYS A 170 -22.29 16.05 -2.38
C LYS A 170 -23.13 16.01 -1.09
N ASP A 171 -23.34 14.83 -0.49
CA ASP A 171 -23.93 14.72 0.85
C ASP A 171 -22.88 14.95 1.94
N ILE A 172 -21.66 15.37 1.57
CA ILE A 172 -20.60 15.56 2.56
C ILE A 172 -20.00 16.96 2.40
N GLU A 173 -19.74 17.37 1.15
CA GLU A 173 -19.37 18.73 0.82
C GLU A 173 -19.68 18.98 -0.66
N ASP A 174 -20.36 20.11 -0.96
CA ASP A 174 -20.63 20.54 -2.33
C ASP A 174 -19.45 21.39 -2.81
N VAL A 175 -18.52 20.72 -3.51
CA VAL A 175 -17.35 21.36 -4.09
C VAL A 175 -17.75 21.88 -5.47
N PRO A 176 -17.38 23.13 -5.85
CA PRO A 176 -17.65 23.62 -7.20
C PRO A 176 -16.74 22.97 -8.24
N PRO A 177 -17.22 22.73 -9.49
CA PRO A 177 -16.45 22.04 -10.53
C PRO A 177 -14.99 22.42 -10.78
N SER A 178 -14.50 23.49 -10.14
CA SER A 178 -13.09 23.88 -10.21
C SER A 178 -12.41 23.70 -8.83
N GLY A 179 -13.22 23.39 -7.82
CA GLY A 179 -12.93 23.72 -6.43
C GLY A 179 -11.97 22.75 -5.75
N VAL A 180 -11.13 23.29 -4.87
CA VAL A 180 -10.33 22.55 -3.93
C VAL A 180 -11.26 21.91 -2.90
N PRO A 181 -11.22 20.56 -2.68
CA PRO A 181 -11.94 19.94 -1.58
C PRO A 181 -11.25 20.10 -0.21
N THR A 182 -12.00 19.85 0.88
CA THR A 182 -11.50 20.04 2.26
C THR A 182 -11.97 18.94 3.23
N LYS A 183 -13.06 18.22 2.91
CA LYS A 183 -13.63 17.13 3.78
C LYS A 183 -13.53 15.77 3.07
N ASP A 184 -13.04 14.77 3.81
CA ASP A 184 -12.79 13.40 3.28
C ASP A 184 -14.07 12.58 3.32
N PRO A 185 -14.74 12.35 2.17
CA PRO A 185 -16.03 11.67 2.14
C PRO A 185 -16.06 10.20 2.63
N GLU A 186 -14.91 9.67 3.06
CA GLU A 186 -14.82 8.32 3.66
C GLU A 186 -15.63 7.33 2.82
N LEU A 187 -15.15 7.09 1.60
CA LEU A 187 -15.78 6.31 0.57
C LEU A 187 -14.99 5.00 0.42
N HIS A 188 -15.62 3.99 -0.18
CA HIS A 188 -14.94 2.79 -0.62
C HIS A 188 -14.86 2.83 -2.14
N LEU A 189 -13.69 2.48 -2.69
CA LEU A 189 -13.45 2.43 -4.13
C LEU A 189 -13.14 0.97 -4.49
N PHE A 190 -13.77 0.44 -5.52
CA PHE A 190 -13.52 -0.93 -5.83
C PHE A 190 -13.30 -1.04 -7.33
N LEU A 191 -12.29 -1.85 -7.74
CA LEU A 191 -12.02 -2.19 -9.12
C LEU A 191 -12.97 -3.30 -9.58
N ASN A 192 -13.54 -3.17 -10.77
CA ASN A 192 -14.46 -4.16 -11.31
C ASN A 192 -13.71 -5.24 -12.11
N ASP A 193 -12.40 -5.07 -12.33
CA ASP A 193 -11.58 -6.08 -13.00
C ASP A 193 -10.13 -5.91 -12.57
N TYR A 194 -9.30 -6.90 -12.87
CA TYR A 194 -7.87 -6.91 -12.52
C TYR A 194 -7.67 -6.60 -11.02
N THR A 195 -8.61 -7.04 -10.16
CA THR A 195 -8.50 -6.88 -8.69
C THR A 195 -7.29 -7.65 -8.17
N SER A 196 -6.84 -8.66 -8.93
CA SER A 196 -5.71 -9.52 -8.54
C SER A 196 -4.37 -8.84 -8.81
N VAL A 197 -4.34 -7.93 -9.79
CA VAL A 197 -3.14 -7.28 -10.32
C VAL A 197 -2.91 -5.94 -9.62
N PHE A 198 -3.97 -5.11 -9.51
CA PHE A 198 -3.91 -3.77 -8.87
C PHE A 198 -4.82 -3.66 -7.64
N THR A 199 -4.41 -2.76 -6.74
CA THR A 199 -5.18 -2.36 -5.57
C THR A 199 -5.26 -0.83 -5.57
N VAL A 200 -6.12 -0.27 -4.71
CA VAL A 200 -6.27 1.21 -4.57
C VAL A 200 -6.35 1.58 -3.08
N THR A 201 -5.54 2.59 -2.69
CA THR A 201 -5.52 3.15 -1.33
C THR A 201 -6.95 3.26 -0.79
N GLN A 202 -7.16 2.85 0.46
CA GLN A 202 -8.52 2.72 0.94
C GLN A 202 -8.91 3.93 1.81
N THR A 203 -8.11 5.02 1.80
CA THR A 203 -8.43 6.19 2.62
C THR A 203 -7.77 7.46 2.06
N GLY A 204 -8.47 8.58 2.23
CA GLY A 204 -7.98 9.89 1.83
C GLY A 204 -8.85 10.49 0.75
N ILE A 205 -8.72 11.80 0.55
CA ILE A 205 -9.47 12.47 -0.49
C ILE A 205 -8.92 11.97 -1.82
N THR A 206 -7.60 12.12 -2.01
CA THR A 206 -6.91 11.57 -3.16
C THR A 206 -6.61 10.09 -2.87
N ARG A 207 -6.93 9.21 -3.84
CA ARG A 207 -6.60 7.78 -3.77
C ARG A 207 -5.54 7.45 -4.84
N TYR A 208 -4.86 6.29 -4.73
CA TYR A 208 -3.76 5.91 -5.64
C TYR A 208 -3.87 4.43 -6.03
N LEU A 209 -3.12 4.04 -7.07
CA LEU A 209 -3.02 2.64 -7.46
C LEU A 209 -1.60 2.10 -7.21
N THR A 210 -1.52 0.79 -6.95
CA THR A 210 -0.29 0.11 -6.76
C THR A 210 -0.42 -1.32 -7.27
N LEU A 211 0.70 -1.97 -7.61
CA LEU A 211 0.73 -3.35 -8.10
C LEU A 211 0.62 -4.32 -6.93
N LEU A 212 -0.16 -5.38 -7.11
CA LEU A 212 -0.21 -6.46 -6.17
C LEU A 212 0.77 -7.57 -6.59
N GLN A 213 1.20 -7.49 -7.86
CA GLN A 213 1.83 -8.59 -8.60
C GLN A 213 2.51 -7.99 -9.83
N PRO A 214 3.75 -8.39 -10.17
CA PRO A 214 4.47 -7.75 -11.28
C PRO A 214 3.83 -8.05 -12.63
N VAL A 215 4.20 -7.24 -13.63
CA VAL A 215 3.53 -7.22 -14.91
C VAL A 215 4.58 -7.25 -16.03
N ASP A 216 4.28 -8.04 -17.05
CA ASP A 216 5.16 -8.32 -18.14
C ASP A 216 4.60 -7.62 -19.38
N ARG A 217 5.36 -6.68 -19.95
CA ARG A 217 4.87 -5.99 -21.14
C ARG A 217 4.69 -6.99 -22.28
N GLU A 218 5.50 -8.05 -22.27
CA GLU A 218 5.50 -8.99 -23.37
C GLU A 218 4.25 -9.88 -23.28
N GLU A 219 3.66 -10.07 -22.08
CA GLU A 219 2.31 -10.69 -21.97
C GLU A 219 1.24 -9.69 -22.42
N GLN A 220 0.88 -8.77 -21.51
CA GLN A 220 -0.12 -7.75 -21.73
C GLN A 220 0.50 -6.38 -21.45
N GLN A 221 0.34 -5.43 -22.40
CA GLN A 221 0.96 -4.11 -22.33
C GLN A 221 -0.06 -3.02 -21.95
N THR A 222 -1.35 -3.36 -21.86
CA THR A 222 -2.44 -2.42 -21.49
C THR A 222 -3.48 -3.09 -20.60
N TYR A 223 -3.95 -2.35 -19.60
CA TYR A 223 -5.06 -2.80 -18.74
C TYR A 223 -6.20 -1.77 -18.77
N THR A 224 -7.39 -2.27 -19.02
CA THR A 224 -8.55 -1.44 -19.13
C THR A 224 -9.60 -2.03 -18.19
N PHE A 225 -9.99 -1.21 -17.22
CA PHE A 225 -10.95 -1.63 -16.23
C PHE A 225 -11.66 -0.36 -15.74
N SER A 226 -12.75 -0.52 -15.00
CA SER A 226 -13.34 0.63 -14.35
C SER A 226 -13.30 0.44 -12.84
N ILE A 227 -13.36 1.59 -12.17
CA ILE A 227 -13.43 1.72 -10.75
C ILE A 227 -14.81 2.30 -10.44
N THR A 228 -15.30 2.01 -9.23
CA THR A 228 -16.60 2.43 -8.82
C THR A 228 -16.51 2.86 -7.36
N ALA A 229 -17.19 3.95 -7.00
CA ALA A 229 -17.18 4.50 -5.63
C ALA A 229 -18.48 4.10 -4.89
N PHE A 230 -18.39 4.07 -3.56
CA PHE A 230 -19.52 3.68 -2.72
C PHE A 230 -19.45 4.45 -1.40
N ASP A 231 -20.60 4.99 -0.99
CA ASP A 231 -20.74 5.88 0.20
C ASP A 231 -21.43 5.22 1.40
N GLY A 232 -21.76 3.91 1.32
CA GLY A 232 -22.52 3.21 2.34
C GLY A 232 -23.92 2.83 1.87
N VAL A 233 -24.39 3.46 0.78
CA VAL A 233 -25.75 3.29 0.35
C VAL A 233 -25.82 3.14 -1.18
N GLN A 234 -25.23 4.08 -1.95
CA GLN A 234 -25.25 4.03 -3.42
C GLN A 234 -23.83 4.17 -3.99
N GLU A 235 -23.74 3.84 -5.29
CA GLU A 235 -22.49 3.81 -6.01
C GLU A 235 -22.44 4.89 -7.10
N SER A 236 -21.20 5.28 -7.45
CA SER A 236 -20.94 6.15 -8.57
C SER A 236 -21.21 5.41 -9.87
N GLU A 237 -21.41 6.16 -10.95
CA GLU A 237 -21.25 5.57 -12.25
C GLU A 237 -19.84 5.00 -12.26
N PRO A 238 -19.54 3.91 -13.02
CA PRO A 238 -18.17 3.41 -13.17
C PRO A 238 -17.37 4.46 -13.95
N VAL A 239 -16.05 4.50 -13.74
CA VAL A 239 -15.19 5.36 -14.51
C VAL A 239 -14.00 4.54 -15.02
N ILE A 240 -13.69 4.71 -16.29
CA ILE A 240 -12.76 3.88 -16.98
C ILE A 240 -11.35 4.35 -16.62
N VAL A 241 -10.54 3.39 -16.17
CA VAL A 241 -9.12 3.56 -15.90
C VAL A 241 -8.36 2.72 -16.93
N ASN A 242 -7.19 3.21 -17.34
CA ASN A 242 -6.49 2.61 -18.45
C ASN A 242 -4.99 2.69 -18.19
N ILE A 243 -4.35 1.53 -18.01
CA ILE A 243 -2.97 1.45 -17.59
C ILE A 243 -2.09 0.82 -18.68
N GLN A 244 -1.07 1.60 -19.10
CA GLN A 244 -0.05 1.23 -20.09
C GLN A 244 1.19 0.70 -19.36
N VAL A 245 1.66 -0.49 -19.75
CA VAL A 245 2.90 -1.06 -19.23
C VAL A 245 4.04 -0.67 -20.18
N MET A 246 5.06 0.02 -19.65
CA MET A 246 6.14 0.54 -20.45
C MET A 246 7.29 -0.48 -20.48
N ASP A 247 7.96 -0.53 -21.64
CA ASP A 247 8.98 -1.51 -21.95
C ASP A 247 10.22 -1.25 -21.11
N ALA A 248 10.89 -2.35 -20.73
CA ALA A 248 12.23 -2.40 -20.25
C ALA A 248 12.97 -3.40 -21.12
N ASN A 249 14.31 -3.32 -21.14
CA ASN A 249 15.14 -4.24 -21.91
C ASN A 249 15.40 -5.50 -21.06
N ASP A 250 14.37 -6.36 -20.96
CA ASP A 250 14.45 -7.62 -20.22
C ASP A 250 14.52 -8.82 -21.16
N ASN A 251 14.82 -8.60 -22.46
CA ASN A 251 14.86 -9.70 -23.40
C ASN A 251 16.11 -9.58 -24.28
N THR A 252 16.92 -10.65 -24.22
CA THR A 252 18.17 -10.75 -24.94
C THR A 252 17.86 -11.17 -26.38
N PRO A 253 18.59 -10.65 -27.39
CA PRO A 253 18.43 -11.14 -28.77
C PRO A 253 19.03 -12.54 -28.76
N THR A 254 18.19 -13.58 -28.86
CA THR A 254 18.65 -14.94 -28.88
C THR A 254 18.56 -15.47 -30.32
N PHE A 255 19.46 -16.42 -30.64
CA PHE A 255 19.50 -17.14 -31.94
C PHE A 255 18.78 -18.49 -31.83
N PRO A 256 18.18 -19.04 -32.92
CA PRO A 256 17.48 -20.33 -32.85
C PRO A 256 18.40 -21.46 -32.37
N GLU A 257 19.67 -21.40 -32.79
CA GLU A 257 20.64 -22.44 -32.56
C GLU A 257 21.89 -21.81 -31.92
N ILE A 258 22.73 -22.66 -31.31
CA ILE A 258 23.95 -22.19 -30.66
C ILE A 258 25.12 -22.28 -31.65
N SER A 259 25.00 -23.21 -32.62
CA SER A 259 26.04 -23.52 -33.61
C SER A 259 25.40 -23.67 -34.98
N TYR A 260 26.11 -23.25 -36.01
CA TYR A 260 25.71 -23.58 -37.37
C TYR A 260 26.89 -24.26 -38.06
N ASP A 261 26.60 -25.37 -38.73
CA ASP A 261 27.51 -26.09 -39.62
C ASP A 261 27.16 -25.69 -41.05
N VAL A 262 28.14 -25.12 -41.78
CA VAL A 262 27.89 -24.58 -43.10
C VAL A 262 29.04 -24.96 -44.03
N TYR A 263 28.71 -25.54 -45.19
CA TYR A 263 29.67 -25.90 -46.22
C TYR A 263 29.60 -24.84 -47.33
N VAL A 264 30.76 -24.40 -47.80
CA VAL A 264 30.86 -23.55 -48.99
C VAL A 264 31.76 -24.24 -50.01
N TYR A 265 31.67 -23.77 -51.26
CA TYR A 265 32.39 -24.32 -52.39
C TYR A 265 33.35 -23.26 -52.94
N THR A 266 34.34 -23.68 -53.74
CA THR A 266 35.39 -22.79 -54.23
C THR A 266 34.88 -21.93 -55.37
N ASP A 267 33.85 -22.41 -56.09
CA ASP A 267 33.29 -21.70 -57.26
C ASP A 267 32.41 -20.52 -56.81
N MET A 268 32.12 -20.41 -55.50
CA MET A 268 31.37 -19.27 -54.93
C MET A 268 32.23 -18.00 -54.97
N ARG A 269 31.59 -16.87 -55.29
CA ARG A 269 32.24 -15.58 -55.50
C ARG A 269 31.73 -14.56 -54.48
N PRO A 270 32.49 -13.47 -54.22
CA PRO A 270 32.01 -12.35 -53.40
C PRO A 270 30.54 -11.99 -53.62
N GLY A 271 29.88 -11.57 -52.53
CA GLY A 271 28.48 -11.16 -52.54
C GLY A 271 27.53 -12.30 -52.24
N ASP A 272 27.96 -13.55 -52.51
CA ASP A 272 27.11 -14.73 -52.40
C ASP A 272 26.75 -15.01 -50.94
N SER A 273 25.55 -15.55 -50.77
CA SER A 273 25.02 -15.89 -49.48
C SER A 273 25.74 -17.13 -48.93
N VAL A 274 26.01 -17.10 -47.62
CA VAL A 274 26.62 -18.19 -46.91
C VAL A 274 25.59 -18.77 -45.94
N ILE A 275 25.07 -17.93 -45.04
CA ILE A 275 23.95 -18.28 -44.17
C ILE A 275 23.19 -17.01 -43.81
N GLN A 276 21.88 -17.16 -43.58
CA GLN A 276 21.01 -16.08 -43.17
C GLN A 276 20.61 -16.31 -41.72
N LEU A 277 21.29 -15.62 -40.79
CA LEU A 277 20.95 -15.67 -39.37
C LEU A 277 19.84 -14.67 -39.11
N THR A 278 19.02 -14.95 -38.11
CA THR A 278 17.96 -14.06 -37.69
C THR A 278 17.67 -14.32 -36.21
N ALA A 279 18.04 -13.35 -35.37
CA ALA A 279 17.79 -13.40 -33.95
C ALA A 279 16.40 -12.79 -33.66
N VAL A 280 15.86 -13.12 -32.48
CA VAL A 280 14.58 -12.56 -32.03
C VAL A 280 14.77 -11.91 -30.65
N ASP A 281 14.21 -10.70 -30.52
CA ASP A 281 14.19 -9.94 -29.29
C ASP A 281 12.76 -9.47 -29.11
N ALA A 282 12.07 -10.05 -28.12
CA ALA A 282 10.64 -9.81 -27.91
C ALA A 282 10.34 -8.36 -27.47
N ASP A 283 11.37 -7.61 -27.02
CA ASP A 283 11.20 -6.24 -26.53
C ASP A 283 10.58 -5.34 -27.61
N GLU A 284 10.19 -4.14 -27.16
CA GLU A 284 9.50 -3.13 -27.96
C GLU A 284 10.50 -2.05 -28.34
N GLY A 285 10.19 -1.34 -29.43
CA GLY A 285 10.93 -0.15 -29.77
C GLY A 285 12.32 -0.54 -30.17
N SER A 286 13.33 0.18 -29.68
CA SER A 286 14.72 -0.13 -30.01
C SER A 286 15.34 -1.09 -28.98
N ASN A 287 14.62 -1.40 -27.90
CA ASN A 287 15.03 -2.45 -26.97
C ASN A 287 14.94 -3.82 -27.64
N GLY A 288 14.17 -3.91 -28.73
CA GLY A 288 13.94 -5.15 -29.48
C GLY A 288 14.47 -5.07 -30.90
N GLU A 289 15.14 -3.96 -31.22
CA GLU A 289 15.85 -3.74 -32.50
C GLU A 289 17.20 -4.42 -32.41
N ILE A 290 17.57 -5.21 -33.44
CA ILE A 290 18.79 -6.12 -33.38
C ILE A 290 19.88 -5.65 -34.36
N THR A 291 21.12 -5.70 -33.87
CA THR A 291 22.35 -5.40 -34.63
C THR A 291 23.30 -6.59 -34.57
N TYR A 292 23.72 -7.11 -35.74
CA TYR A 292 24.66 -8.27 -35.89
C TYR A 292 26.09 -7.82 -36.23
N GLU A 293 27.06 -8.49 -35.60
CA GLU A 293 28.49 -8.30 -35.85
C GLU A 293 29.22 -9.65 -35.77
N ILE A 294 30.27 -9.82 -36.58
CA ILE A 294 31.21 -10.93 -36.39
C ILE A 294 32.36 -10.46 -35.49
N LEU A 295 32.43 -10.94 -34.26
CA LEU A 295 33.45 -10.45 -33.31
C LEU A 295 34.85 -10.93 -33.74
N VAL A 296 34.94 -12.16 -34.27
CA VAL A 296 36.22 -12.77 -34.72
C VAL A 296 35.93 -14.08 -35.46
N GLY A 297 36.90 -14.56 -36.26
CA GLY A 297 36.82 -15.86 -36.95
C GLY A 297 36.68 -15.74 -38.47
N ALA A 298 36.12 -14.63 -38.93
CA ALA A 298 36.08 -14.22 -40.34
C ALA A 298 37.40 -14.52 -41.07
N GLN A 299 38.52 -14.25 -40.39
CA GLN A 299 39.85 -14.29 -40.96
C GLN A 299 39.98 -13.37 -42.18
N GLY A 300 38.95 -12.59 -42.52
CA GLY A 300 38.99 -11.62 -43.63
C GLY A 300 37.98 -11.92 -44.72
N ASP A 301 37.45 -13.15 -44.73
CA ASP A 301 36.80 -13.73 -45.91
C ASP A 301 35.27 -13.68 -45.82
N PHE A 302 34.73 -13.21 -44.71
CA PHE A 302 33.29 -13.12 -44.56
C PHE A 302 32.93 -11.80 -43.86
N ILE A 303 31.69 -11.37 -44.13
CA ILE A 303 31.11 -10.16 -43.59
C ILE A 303 29.62 -10.41 -43.34
N ILE A 304 29.03 -9.62 -42.42
CA ILE A 304 27.61 -9.76 -42.02
C ILE A 304 26.91 -8.43 -42.14
N ASN A 305 25.70 -8.48 -42.66
CA ASN A 305 24.79 -7.36 -42.74
C ASN A 305 24.37 -6.95 -41.33
N LYS A 306 24.71 -5.72 -40.92
CA LYS A 306 24.50 -5.31 -39.54
C LYS A 306 23.02 -5.42 -39.19
N THR A 307 22.17 -5.15 -40.18
CA THR A 307 20.72 -5.09 -40.00
C THR A 307 20.03 -6.44 -40.28
N THR A 308 20.60 -7.25 -41.18
CA THR A 308 19.92 -8.39 -41.83
C THR A 308 20.36 -9.75 -41.27
N GLY A 309 21.58 -9.82 -40.71
CA GLY A 309 22.09 -11.06 -40.16
C GLY A 309 22.52 -12.03 -41.24
N LEU A 310 22.48 -11.58 -42.51
CA LEU A 310 22.94 -12.38 -43.64
C LEU A 310 24.45 -12.21 -43.77
N ILE A 311 25.17 -13.35 -43.74
CA ILE A 311 26.60 -13.42 -43.95
C ILE A 311 26.84 -13.69 -45.43
N THR A 312 27.77 -12.95 -46.02
CA THR A 312 28.16 -13.09 -47.42
C THR A 312 29.68 -13.28 -47.47
N ILE A 313 30.20 -13.66 -48.64
CA ILE A 313 31.64 -13.82 -48.84
C ILE A 313 32.25 -12.44 -49.07
N ALA A 314 33.35 -12.13 -48.38
CA ALA A 314 33.87 -10.76 -48.38
C ALA A 314 34.28 -10.36 -49.79
N PRO A 315 34.38 -9.05 -50.10
CA PRO A 315 34.87 -8.61 -51.40
C PRO A 315 36.40 -8.77 -51.56
N GLY A 316 36.79 -9.40 -52.67
CA GLY A 316 38.17 -9.47 -53.13
C GLY A 316 38.89 -10.70 -52.60
N VAL A 317 38.15 -11.82 -52.54
CA VAL A 317 38.45 -12.96 -51.68
C VAL A 317 38.22 -14.26 -52.47
N GLU A 318 39.09 -15.25 -52.19
CA GLU A 318 39.11 -16.54 -52.83
C GLU A 318 38.87 -17.63 -51.79
N MET A 319 37.97 -18.57 -52.09
CA MET A 319 37.73 -19.74 -51.25
C MET A 319 38.77 -20.82 -51.58
N ILE A 320 39.66 -21.11 -50.62
CA ILE A 320 40.73 -22.11 -50.73
C ILE A 320 40.21 -23.42 -50.12
N VAL A 321 40.36 -24.54 -50.85
CA VAL A 321 39.63 -25.79 -50.58
C VAL A 321 40.01 -26.40 -49.23
N GLY A 322 41.20 -26.08 -48.72
CA GLY A 322 41.61 -26.54 -47.37
C GLY A 322 40.68 -26.04 -46.27
N ARG A 323 40.44 -24.73 -46.25
CA ARG A 323 40.34 -23.93 -45.01
C ARG A 323 39.05 -24.26 -44.26
N THR A 324 39.15 -24.14 -42.92
CA THR A 324 38.02 -24.10 -41.99
C THR A 324 38.00 -22.74 -41.26
N TYR A 325 36.80 -22.35 -40.79
CA TYR A 325 36.61 -21.18 -39.99
C TYR A 325 35.56 -21.42 -38.89
N ALA A 326 35.76 -20.70 -37.77
CA ALA A 326 34.82 -20.60 -36.67
C ALA A 326 34.47 -19.12 -36.46
N LEU A 327 33.34 -18.68 -37.04
CA LEU A 327 32.82 -17.31 -36.86
C LEU A 327 32.09 -17.16 -35.53
N THR A 328 32.59 -16.28 -34.66
CA THR A 328 31.84 -15.84 -33.48
C THR A 328 30.92 -14.68 -33.89
N VAL A 329 29.61 -14.96 -33.95
CA VAL A 329 28.64 -13.94 -34.33
C VAL A 329 27.84 -13.49 -33.10
N GLN A 330 27.67 -12.15 -33.01
CA GLN A 330 26.95 -11.46 -31.91
C GLN A 330 25.68 -10.79 -32.47
N ALA A 331 24.58 -10.92 -31.71
CA ALA A 331 23.37 -10.11 -31.87
C ALA A 331 23.17 -9.28 -30.60
N ALA A 332 23.03 -7.97 -30.77
CA ALA A 332 22.82 -7.08 -29.65
C ALA A 332 21.69 -6.11 -30.00
N ASP A 333 20.81 -5.83 -29.02
CA ASP A 333 19.70 -4.89 -29.18
C ASP A 333 20.25 -3.45 -29.13
N ASN A 334 19.43 -2.47 -29.54
CA ASN A 334 19.85 -1.06 -29.58
C ASN A 334 19.30 -0.29 -28.38
N ALA A 335 19.38 -0.90 -27.18
CA ALA A 335 19.11 -0.16 -25.94
C ALA A 335 20.27 0.80 -25.70
N PRO A 336 20.14 1.78 -24.77
CA PRO A 336 21.29 2.40 -24.14
C PRO A 336 22.40 1.42 -23.75
N PRO A 337 23.68 1.78 -23.98
CA PRO A 337 24.82 0.94 -23.59
C PRO A 337 24.77 0.38 -22.15
N ALA A 338 24.28 1.16 -21.20
CA ALA A 338 24.23 0.71 -19.79
C ALA A 338 23.27 -0.49 -19.61
N GLU A 339 22.26 -0.62 -20.51
CA GLU A 339 21.11 -1.53 -20.33
C GLU A 339 20.98 -2.51 -21.52
N ARG A 340 22.01 -2.57 -22.37
CA ARG A 340 21.99 -3.28 -23.64
C ARG A 340 22.29 -4.77 -23.41
N ARG A 341 21.71 -5.64 -24.25
CA ARG A 341 21.96 -7.07 -24.11
C ARG A 341 22.36 -7.66 -25.45
N ASN A 342 22.99 -8.83 -25.37
CA ASN A 342 23.58 -9.54 -26.47
C ASN A 342 23.68 -11.03 -26.15
N SER A 343 23.87 -11.79 -27.22
CA SER A 343 23.86 -13.21 -27.22
C SER A 343 24.66 -13.63 -28.46
N ILE A 344 25.42 -14.73 -28.32
CA ILE A 344 26.44 -15.13 -29.27
C ILE A 344 26.11 -16.53 -29.78
N CYS A 345 26.31 -16.72 -31.09
CA CYS A 345 26.38 -18.05 -31.67
C CYS A 345 27.63 -18.14 -32.55
N THR A 346 28.01 -19.38 -32.86
CA THR A 346 29.15 -19.69 -33.68
C THR A 346 28.66 -20.33 -34.96
N VAL A 347 29.10 -19.79 -36.09
CA VAL A 347 28.97 -20.40 -37.41
C VAL A 347 30.30 -21.05 -37.77
N TYR A 348 30.26 -22.38 -38.00
CA TYR A 348 31.42 -23.17 -38.44
C TYR A 348 31.32 -23.42 -39.95
N ILE A 349 32.42 -23.13 -40.66
CA ILE A 349 32.46 -23.21 -42.12
C ILE A 349 33.62 -24.10 -42.55
N GLU A 350 33.38 -24.84 -43.66
CA GLU A 350 34.41 -25.55 -44.41
C GLU A 350 34.16 -25.41 -45.91
N VAL A 351 35.26 -25.22 -46.66
CA VAL A 351 35.25 -25.07 -48.11
C VAL A 351 35.49 -26.46 -48.74
N LEU A 352 34.52 -26.93 -49.54
CA LEU A 352 34.63 -28.12 -50.38
C LEU A 352 34.99 -27.71 -51.81
N PRO A 353 35.23 -28.66 -52.74
CA PRO A 353 35.23 -28.38 -54.18
C PRO A 353 33.86 -28.63 -54.82
N PRO A 354 33.57 -27.98 -55.98
CA PRO A 354 32.18 -27.75 -56.44
C PRO A 354 31.18 -28.91 -56.25
N PRO B 2 52.73 38.03 54.54
CA PRO B 2 51.62 38.26 53.63
C PRO B 2 50.69 37.05 53.48
N MET B 3 49.73 37.15 52.57
CA MET B 3 48.70 36.15 52.40
C MET B 3 48.16 36.23 50.97
N PHE B 4 48.38 35.16 50.19
CA PHE B 4 47.92 35.12 48.81
C PHE B 4 46.40 35.05 48.81
N LEU B 5 45.79 35.47 47.70
CA LEU B 5 44.34 35.41 47.52
C LEU B 5 43.99 34.53 46.33
N PRO B 6 42.88 33.80 46.44
CA PRO B 6 41.95 33.92 47.55
C PRO B 6 42.37 32.98 48.68
N CYS B 7 42.13 33.40 49.91
CA CYS B 7 42.35 32.54 51.07
C CYS B 7 41.03 31.88 51.47
N VAL B 8 41.09 30.57 51.75
CA VAL B 8 39.96 29.80 52.23
C VAL B 8 40.48 28.93 53.37
N LEU B 9 39.91 29.14 54.56
CA LEU B 9 40.47 28.63 55.78
C LEU B 9 40.21 27.12 55.86
N VAL B 10 41.23 26.38 56.28
CA VAL B 10 41.11 24.95 56.50
C VAL B 10 40.44 24.75 57.85
N PRO B 11 39.31 24.00 57.90
CA PRO B 11 38.56 23.81 59.15
C PRO B 11 39.43 23.64 60.40
N ASN B 12 39.16 24.46 61.42
CA ASN B 12 39.77 24.36 62.76
C ASN B 12 41.29 24.50 62.68
N THR B 13 41.75 25.31 61.73
CA THR B 13 43.16 25.73 61.60
C THR B 13 43.19 27.23 61.32
N ARG B 14 44.41 27.79 61.26
CA ARG B 14 44.63 29.16 60.80
C ARG B 14 45.33 29.16 59.44
N ASP B 15 45.10 28.12 58.63
CA ASP B 15 45.80 27.93 57.36
C ASP B 15 44.83 28.24 56.22
N CYS B 16 45.30 29.00 55.23
CA CYS B 16 44.67 29.04 53.94
C CYS B 16 44.86 27.68 53.27
N ARG B 17 43.90 27.28 52.43
CA ARG B 17 44.02 26.12 51.56
C ARG B 17 45.23 26.36 50.64
N PRO B 18 46.12 25.37 50.43
CA PRO B 18 47.22 25.54 49.47
C PRO B 18 46.62 25.87 48.10
N LEU B 19 47.25 26.82 47.44
CA LEU B 19 46.71 27.53 46.34
C LEU B 19 47.64 27.28 45.16
N THR B 20 47.09 26.78 44.05
CA THR B 20 47.87 26.54 42.84
C THR B 20 47.22 27.31 41.68
N TYR B 21 47.77 28.50 41.42
CA TYR B 21 47.41 29.39 40.32
C TYR B 21 47.76 28.73 38.97
N GLN B 22 46.99 29.04 37.91
CA GLN B 22 47.10 28.36 36.60
C GLN B 22 47.37 29.36 35.47
N ALA B 23 48.19 28.93 34.52
CA ALA B 23 48.52 29.66 33.31
C ALA B 23 48.82 28.68 32.17
N ALA B 24 48.29 28.96 30.99
CA ALA B 24 48.54 28.16 29.79
C ALA B 24 49.04 29.10 28.68
N ILE B 25 50.09 28.66 27.95
CA ILE B 25 50.71 29.44 26.87
C ILE B 25 50.93 28.54 25.67
N PRO B 26 50.68 29.04 24.44
CA PRO B 26 50.96 28.29 23.23
C PRO B 26 52.48 28.20 22.98
N GLU B 27 52.94 27.03 22.51
CA GLU B 27 54.35 26.79 22.17
C GLU B 27 54.77 27.71 21.02
N LEU B 28 56.07 28.00 20.97
CA LEU B 28 56.81 28.60 19.84
C LEU B 28 56.33 30.02 19.46
N ARG B 29 55.47 30.65 20.26
CA ARG B 29 55.14 32.08 20.14
C ARG B 29 56.16 32.90 20.93
N THR B 30 56.39 34.13 20.48
CA THR B 30 57.44 35.00 21.00
C THR B 30 56.92 35.80 22.20
N PRO B 31 57.82 36.18 23.15
CA PRO B 31 57.48 37.10 24.25
C PRO B 31 56.59 38.31 23.87
N GLU B 32 56.94 39.05 22.80
CA GLU B 32 56.12 40.20 22.32
C GLU B 32 54.67 39.78 22.06
N GLU B 33 54.48 38.60 21.45
CA GLU B 33 53.13 38.07 21.13
C GLU B 33 52.31 37.71 22.39
N LEU B 34 52.95 37.34 23.52
CA LEU B 34 52.22 36.71 24.67
C LEU B 34 52.16 37.58 25.95
N ASN B 35 53.14 38.45 26.21
CA ASN B 35 53.27 39.02 27.57
C ASN B 35 52.26 40.15 27.79
N PRO B 36 51.80 40.35 29.03
CA PRO B 36 52.04 39.49 30.19
C PRO B 36 51.20 38.20 30.16
N ILE B 37 51.82 37.08 30.54
CA ILE B 37 51.13 35.79 30.68
C ILE B 37 50.01 35.97 31.71
N ILE B 38 48.77 35.77 31.27
CA ILE B 38 47.60 35.83 32.17
C ILE B 38 47.59 34.60 33.08
N VAL B 39 47.32 34.84 34.37
CA VAL B 39 47.30 33.82 35.42
C VAL B 39 45.93 33.84 36.12
N THR B 40 45.39 32.65 36.37
CA THR B 40 44.01 32.46 36.83
C THR B 40 43.99 31.55 38.04
N PRO B 41 43.57 32.07 39.23
CA PRO B 41 43.17 33.46 39.39
C PRO B 41 44.39 34.39 39.40
N PRO B 42 44.21 35.73 39.45
CA PRO B 42 45.34 36.65 39.43
C PRO B 42 46.18 36.45 40.70
N ILE B 43 47.49 36.70 40.62
CA ILE B 43 48.34 36.65 41.80
C ILE B 43 48.23 37.98 42.54
N GLN B 44 47.79 37.92 43.79
CA GLN B 44 47.96 38.99 44.74
C GLN B 44 48.11 38.42 46.15
N ALA B 45 48.71 39.24 47.03
CA ALA B 45 48.73 39.02 48.45
C ALA B 45 48.45 40.34 49.18
N ILE B 46 48.22 40.23 50.50
CA ILE B 46 48.00 41.38 51.43
C ILE B 46 48.62 41.02 52.79
N ASP B 47 48.99 42.02 53.59
CA ASP B 47 49.51 41.76 54.94
C ASP B 47 48.40 42.02 55.98
N GLN B 48 48.50 41.33 57.11
CA GLN B 48 47.68 41.59 58.29
C GLN B 48 48.49 42.58 59.13
N ASP B 49 48.04 43.85 59.15
CA ASP B 49 48.92 45.02 59.37
C ASP B 49 48.63 45.65 60.73
N ARG B 50 49.49 45.35 61.71
CA ARG B 50 49.63 46.12 62.94
C ARG B 50 51.12 46.43 63.14
N ASN B 51 51.60 47.39 62.35
CA ASN B 51 53.02 47.78 62.29
C ASN B 51 53.14 49.25 61.89
N ILE B 52 53.42 50.11 62.88
CA ILE B 52 53.87 51.50 62.68
C ILE B 52 52.71 52.33 62.08
N ARG B 58 54.50 50.88 57.44
CA ARG B 58 53.73 49.76 56.85
C ARG B 58 54.55 49.13 55.71
N PRO B 59 54.62 47.79 55.62
CA PRO B 59 55.47 47.13 54.64
C PRO B 59 54.72 46.86 53.33
N GLY B 60 55.41 47.11 52.22
CA GLY B 60 55.00 46.64 50.93
C GLY B 60 55.37 45.19 50.73
N ILE B 61 54.96 44.65 49.60
CA ILE B 61 55.04 43.22 49.35
C ILE B 61 55.98 43.03 48.15
N LEU B 62 56.68 41.87 48.15
CA LEU B 62 57.58 41.52 47.06
C LEU B 62 57.30 40.08 46.65
N TYR B 63 56.98 39.88 45.37
CA TYR B 63 56.76 38.59 44.77
C TYR B 63 58.02 38.16 44.03
N SER B 64 58.33 36.87 44.15
CA SER B 64 59.42 36.23 43.43
C SER B 64 59.11 34.74 43.27
N ILE B 65 59.89 34.08 42.40
CA ILE B 65 59.85 32.64 42.14
C ILE B 65 60.97 31.96 42.91
N LEU B 66 60.60 31.18 43.93
CA LEU B 66 61.52 30.51 44.88
C LEU B 66 62.23 29.31 44.25
N VAL B 67 61.43 28.34 43.78
CA VAL B 67 61.92 27.10 43.15
C VAL B 67 60.89 26.67 42.12
N GLY B 68 61.28 25.73 41.27
CA GLY B 68 60.54 25.35 40.12
C GLY B 68 61.13 24.09 39.50
N THR B 69 60.25 23.28 38.92
CA THR B 69 60.63 22.08 38.20
C THR B 69 60.02 22.18 36.82
N PRO B 70 60.70 21.82 35.71
CA PRO B 70 62.14 21.55 35.69
C PRO B 70 63.06 22.73 36.03
N GLU B 71 64.30 22.40 36.40
CA GLU B 71 65.29 23.33 36.96
C GLU B 71 65.62 24.46 35.98
N ASP B 72 65.27 24.32 34.69
CA ASP B 72 65.64 25.30 33.66
C ASP B 72 64.57 26.39 33.50
N TYR B 73 63.69 26.55 34.50
CA TYR B 73 62.62 27.54 34.47
C TYR B 73 63.18 28.96 34.31
N PRO B 74 64.25 29.43 34.99
CA PRO B 74 64.69 30.82 34.85
C PRO B 74 65.06 31.29 33.44
N ARG B 75 65.22 30.35 32.52
CA ARG B 75 65.53 30.64 31.13
C ARG B 75 64.29 31.21 30.42
N PHE B 76 63.09 30.96 30.99
CA PHE B 76 61.79 31.11 30.31
C PHE B 76 60.86 32.11 31.01
N PHE B 77 60.85 32.11 32.34
CA PHE B 77 59.88 32.89 33.13
C PHE B 77 60.59 33.83 34.10
N HIS B 78 60.25 35.12 33.98
CA HIS B 78 60.60 36.16 34.91
C HIS B 78 59.34 36.60 35.67
N MET B 79 59.48 36.99 36.94
CA MET B 79 58.32 37.55 37.68
C MET B 79 58.62 38.98 38.16
N HIS B 80 57.65 39.89 38.05
CA HIS B 80 57.88 41.28 38.42
C HIS B 80 57.78 41.38 39.95
N PRO B 81 58.87 41.77 40.64
CA PRO B 81 58.86 41.88 42.09
C PRO B 81 57.60 42.51 42.71
N ARG B 82 57.26 43.74 42.31
CA ARG B 82 56.14 44.50 42.96
C ARG B 82 54.75 44.13 42.43
N THR B 83 54.59 43.70 41.17
CA THR B 83 53.23 43.47 40.61
C THR B 83 52.90 41.99 40.33
N ALA B 84 53.84 41.07 40.60
CA ALA B 84 53.68 39.63 40.34
C ALA B 84 53.38 39.36 38.85
N GLU B 85 53.71 40.31 37.98
CA GLU B 85 53.53 40.13 36.55
C GLU B 85 54.48 39.03 36.08
N LEU B 86 53.92 38.08 35.32
CA LEU B 86 54.67 36.93 34.83
C LEU B 86 55.02 37.21 33.37
N SER B 87 56.27 36.94 32.97
CA SER B 87 56.73 37.24 31.61
C SER B 87 57.51 36.05 31.05
N LEU B 88 57.21 35.74 29.80
CA LEU B 88 58.00 34.86 28.98
C LEU B 88 59.28 35.60 28.52
N LEU B 89 60.42 34.90 28.58
CA LEU B 89 61.73 35.42 28.16
C LEU B 89 62.13 34.89 26.78
N GLU B 90 61.41 33.89 26.28
CA GLU B 90 61.88 33.05 25.19
C GLU B 90 60.77 32.11 24.73
N PRO B 91 60.64 31.82 23.42
CA PRO B 91 59.67 30.84 22.94
C PRO B 91 60.00 29.45 23.50
N VAL B 92 58.94 28.69 23.78
CA VAL B 92 59.02 27.39 24.41
C VAL B 92 58.73 26.33 23.36
N ASN B 93 59.61 25.35 23.24
CA ASN B 93 59.45 24.26 22.31
C ASN B 93 58.77 23.10 23.05
N ARG B 94 57.55 22.74 22.65
CA ARG B 94 56.75 21.80 23.44
C ARG B 94 57.28 20.37 23.29
N ASP B 95 58.11 20.12 22.26
CA ASP B 95 58.86 18.87 22.11
C ASP B 95 59.70 18.60 23.38
N PHE B 96 60.26 19.66 23.96
CA PHE B 96 61.26 19.56 25.05
C PHE B 96 60.69 19.95 26.43
N HIS B 97 59.59 20.73 26.48
CA HIS B 97 59.02 21.26 27.72
C HIS B 97 57.49 21.41 27.61
N GLN B 98 56.72 20.60 28.35
CA GLN B 98 55.23 20.60 28.26
C GLN B 98 54.56 21.20 29.51
N LYS B 99 55.30 21.25 30.63
CA LYS B 99 54.81 21.69 31.94
C LYS B 99 55.90 22.50 32.64
N PHE B 100 55.48 23.42 33.53
CA PHE B 100 56.29 23.90 34.65
C PHE B 100 55.43 23.98 35.91
N ASP B 101 55.96 23.47 37.03
CA ASP B 101 55.39 23.66 38.37
C ASP B 101 56.36 24.50 39.20
N LEU B 102 55.94 25.72 39.56
CA LEU B 102 56.77 26.67 40.28
C LEU B 102 56.21 26.85 41.68
N VAL B 103 57.05 27.39 42.56
CA VAL B 103 56.63 27.92 43.84
C VAL B 103 56.91 29.43 43.84
N ILE B 104 55.82 30.18 44.04
CA ILE B 104 55.78 31.61 44.19
C ILE B 104 55.90 31.96 45.68
N LYS B 105 56.59 33.07 45.95
CA LYS B 105 56.79 33.56 47.29
C LYS B 105 56.37 35.03 47.38
N ALA B 106 55.87 35.40 48.56
CA ALA B 106 55.42 36.73 48.82
C ALA B 106 55.89 37.10 50.23
N GLU B 107 56.63 38.20 50.34
CA GLU B 107 57.22 38.57 51.61
C GLU B 107 57.28 40.11 51.74
N GLN B 108 57.34 40.54 53.01
CA GLN B 108 57.41 41.93 53.35
C GLN B 108 58.70 42.53 52.83
N ASP B 109 58.68 43.84 52.57
CA ASP B 109 59.81 44.54 52.03
C ASP B 109 60.46 45.42 53.09
N ASN B 110 60.07 45.25 54.36
CA ASN B 110 60.94 45.77 55.43
C ASN B 110 62.06 44.74 55.56
N GLY B 111 62.78 44.74 56.69
CA GLY B 111 63.76 43.70 56.86
C GLY B 111 63.17 42.37 57.32
N HIS B 112 61.82 42.25 57.38
CA HIS B 112 61.16 41.15 58.14
C HIS B 112 60.18 40.38 57.24
N PRO B 113 60.70 39.39 56.48
CA PRO B 113 59.93 38.67 55.46
C PRO B 113 58.53 38.15 55.81
N LEU B 114 58.38 37.31 56.84
CA LEU B 114 57.07 36.68 57.16
C LEU B 114 56.49 36.04 55.89
N PRO B 115 57.28 35.22 55.18
CA PRO B 115 56.92 34.73 53.85
C PRO B 115 55.64 33.90 53.78
N ALA B 116 55.07 33.87 52.57
CA ALA B 116 53.89 33.06 52.26
C ALA B 116 54.06 32.50 50.87
N PHE B 117 53.62 31.26 50.64
CA PHE B 117 53.99 30.49 49.44
C PHE B 117 52.76 30.04 48.66
N ALA B 118 52.91 29.89 47.34
CA ALA B 118 51.84 29.38 46.49
C ALA B 118 52.44 28.64 45.28
N GLY B 119 51.66 27.68 44.77
CA GLY B 119 51.99 27.03 43.52
C GLY B 119 51.61 27.90 42.33
N LEU B 120 52.29 27.65 41.22
CA LEU B 120 51.87 28.17 39.94
C LEU B 120 52.25 27.10 38.89
N HIS B 121 51.22 26.66 38.17
CA HIS B 121 51.30 25.62 37.18
C HIS B 121 51.19 26.30 35.82
N ILE B 122 52.22 26.13 34.98
CA ILE B 122 52.27 26.72 33.64
C ILE B 122 52.19 25.57 32.63
N GLU B 123 51.14 25.59 31.79
CA GLU B 123 50.92 24.55 30.78
C GLU B 123 51.37 25.05 29.41
N ILE B 124 52.19 24.26 28.71
CA ILE B 124 52.54 24.55 27.33
C ILE B 124 51.59 23.78 26.40
N LEU B 125 51.12 24.46 25.33
CA LEU B 125 50.08 23.94 24.45
C LEU B 125 50.60 23.89 23.01
N ASP B 126 50.23 22.82 22.29
CA ASP B 126 50.31 22.77 20.84
C ASP B 126 49.23 23.72 20.30
N GLU B 127 49.63 24.65 19.41
CA GLU B 127 48.66 25.44 18.66
C GLU B 127 47.66 24.46 18.05
N ASN B 128 46.37 24.66 18.32
CA ASN B 128 45.31 23.87 17.75
C ASN B 128 44.03 24.72 17.80
N ASN B 129 43.79 25.47 16.73
CA ASN B 129 42.64 26.37 16.62
C ASN B 129 42.09 26.38 15.18
N GLN B 130 42.30 25.29 14.43
CA GLN B 130 41.67 25.05 13.12
C GLN B 130 40.99 23.68 13.13
N SER B 131 39.86 23.58 12.42
CA SER B 131 39.09 22.35 12.36
C SER B 131 39.77 21.36 11.41
N PRO B 132 39.70 20.04 11.71
CA PRO B 132 40.22 19.03 10.79
C PRO B 132 39.24 18.92 9.61
N TYR B 133 39.75 18.57 8.42
CA TYR B 133 38.92 18.45 7.22
C TYR B 133 39.15 17.06 6.60
N PHE B 134 38.21 16.66 5.72
CA PHE B 134 38.38 15.51 4.82
C PHE B 134 38.88 16.01 3.46
N THR B 135 39.46 15.11 2.68
CA THR B 135 39.92 15.41 1.34
C THR B 135 38.73 15.37 0.38
N MET B 136 37.95 14.29 0.45
CA MET B 136 36.89 14.03 -0.51
C MET B 136 35.58 14.65 -0.02
N PRO B 137 34.86 15.41 -0.88
CA PRO B 137 33.57 15.98 -0.52
C PRO B 137 32.54 14.98 0.02
N SER B 138 32.63 13.74 -0.44
CA SER B 138 31.81 12.64 0.07
C SER B 138 32.57 11.33 -0.11
N TYR B 139 31.94 10.21 0.27
CA TYR B 139 32.57 8.90 0.17
C TYR B 139 31.53 7.87 -0.30
N GLN B 140 31.91 7.10 -1.33
CA GLN B 140 31.12 5.99 -1.85
C GLN B 140 31.94 4.71 -1.68
N GLY B 141 31.38 3.75 -0.93
CA GLY B 141 31.99 2.43 -0.68
C GLY B 141 31.05 1.28 -1.08
N TYR B 142 31.64 0.10 -1.25
CA TYR B 142 30.93 -1.10 -1.63
C TYR B 142 31.40 -2.26 -0.75
N ILE B 143 30.55 -3.28 -0.64
CA ILE B 143 30.83 -4.42 0.21
C ILE B 143 29.92 -5.59 -0.22
N LEU B 144 30.53 -6.69 -0.63
CA LEU B 144 29.79 -7.89 -0.97
C LEU B 144 29.13 -8.39 0.32
N GLU B 145 27.88 -8.84 0.21
CA GLU B 145 27.05 -9.20 1.37
C GLU B 145 27.50 -10.52 1.98
N SER B 146 28.31 -11.29 1.22
CA SER B 146 28.83 -12.58 1.66
C SER B 146 30.06 -12.38 2.56
N ALA B 147 30.49 -11.12 2.67
CA ALA B 147 31.80 -10.75 3.23
C ALA B 147 31.83 -11.08 4.72
N PRO B 148 32.97 -11.58 5.23
CA PRO B 148 33.07 -12.00 6.62
C PRO B 148 33.17 -10.80 7.58
N VAL B 149 33.04 -11.07 8.87
CA VAL B 149 33.41 -10.15 9.93
C VAL B 149 34.83 -9.64 9.66
N GLY B 150 35.04 -8.32 9.76
CA GLY B 150 36.35 -7.67 9.64
C GLY B 150 36.73 -7.29 8.21
N ALA B 151 35.78 -7.43 7.27
CA ALA B 151 36.00 -7.19 5.84
C ALA B 151 36.05 -5.68 5.58
N THR B 152 37.09 -5.24 4.85
CA THR B 152 37.33 -3.82 4.57
C THR B 152 36.42 -3.36 3.43
N ILE B 153 35.86 -2.15 3.56
CA ILE B 153 35.03 -1.57 2.52
C ILE B 153 35.92 -1.20 1.33
N SER B 154 35.43 -1.47 0.11
CA SER B 154 36.14 -1.19 -1.15
C SER B 154 35.63 0.13 -1.75
N ASP B 155 36.43 0.70 -2.67
CA ASP B 155 36.16 2.02 -3.24
C ASP B 155 35.75 1.89 -4.71
N SER B 156 35.43 0.68 -5.17
CA SER B 156 34.84 0.44 -6.49
C SER B 156 34.14 -0.93 -6.52
N LEU B 157 33.31 -1.11 -7.56
CA LEU B 157 32.48 -2.30 -7.79
C LEU B 157 33.33 -3.58 -7.79
N ASN B 158 34.58 -3.46 -8.25
CA ASN B 158 35.49 -4.59 -8.51
C ASN B 158 35.97 -5.23 -7.18
N LEU B 159 35.90 -4.48 -6.08
CA LEU B 159 36.29 -4.92 -4.72
C LEU B 159 37.78 -5.27 -4.69
N THR B 160 38.57 -4.62 -5.55
CA THR B 160 39.99 -4.90 -5.70
C THR B 160 40.78 -4.11 -4.65
N SER B 161 40.29 -2.89 -4.33
CA SER B 161 41.03 -1.91 -3.51
C SER B 161 40.16 -1.39 -2.37
N PRO B 162 40.76 -1.04 -1.20
CA PRO B 162 39.99 -0.58 -0.04
C PRO B 162 39.57 0.89 -0.15
N LEU B 163 38.58 1.29 0.66
CA LEU B 163 38.08 2.67 0.71
C LEU B 163 38.90 3.44 1.73
N ARG B 164 39.53 4.53 1.25
CA ARG B 164 40.59 5.23 1.96
C ARG B 164 40.06 6.60 2.38
N ILE B 165 39.99 6.82 3.71
CA ILE B 165 39.41 8.02 4.31
C ILE B 165 40.54 8.84 4.95
N VAL B 166 40.89 9.95 4.26
CA VAL B 166 41.98 10.83 4.68
C VAL B 166 41.35 12.07 5.35
N ALA B 167 41.81 12.33 6.57
CA ALA B 167 41.45 13.50 7.35
C ALA B 167 42.74 14.16 7.78
N LEU B 168 42.88 15.45 7.49
CA LEU B 168 44.11 16.20 7.79
C LEU B 168 43.78 17.43 8.64
N ASP B 169 44.81 18.14 9.11
CA ASP B 169 44.63 19.24 10.04
C ASP B 169 45.79 20.22 9.83
N LYS B 170 45.46 21.51 9.68
CA LYS B 170 46.40 22.51 9.22
C LYS B 170 47.21 23.09 10.40
N ASP B 171 46.92 22.64 11.63
CA ASP B 171 47.72 23.01 12.79
C ASP B 171 48.95 22.12 12.85
N ILE B 172 48.87 20.95 12.20
CA ILE B 172 49.84 19.87 12.31
C ILE B 172 50.70 19.78 11.04
N GLU B 173 50.08 19.83 9.85
CA GLU B 173 50.80 19.91 8.58
C GLU B 173 49.93 20.61 7.54
N ASP B 174 50.57 21.49 6.75
CA ASP B 174 49.92 22.21 5.64
C ASP B 174 50.21 21.46 4.33
N VAL B 175 49.21 20.71 3.87
CA VAL B 175 49.34 19.83 2.73
C VAL B 175 48.70 20.53 1.52
N PRO B 176 49.37 20.51 0.33
CA PRO B 176 48.76 21.05 -0.89
C PRO B 176 47.64 20.16 -1.43
N PRO B 177 46.90 20.58 -2.48
CA PRO B 177 45.73 19.85 -2.98
C PRO B 177 45.89 18.33 -3.17
N SER B 178 46.85 17.91 -4.01
CA SER B 178 47.22 16.51 -4.13
C SER B 178 48.10 16.11 -2.93
N GLY B 179 47.54 15.23 -2.09
CA GLY B 179 48.16 14.78 -0.85
C GLY B 179 49.66 14.55 -1.00
N VAL B 180 50.40 14.95 0.03
CA VAL B 180 51.80 14.63 0.25
C VAL B 180 51.97 14.32 1.74
N PRO B 181 50.98 13.69 2.42
CA PRO B 181 50.90 13.75 3.89
C PRO B 181 52.07 13.04 4.57
N THR B 182 52.81 13.80 5.38
CA THR B 182 53.98 13.34 6.12
C THR B 182 53.59 12.90 7.54
N LYS B 183 52.65 13.60 8.17
CA LYS B 183 52.41 13.48 9.61
C LYS B 183 50.96 13.11 9.87
N ASP B 184 50.78 12.09 10.72
CA ASP B 184 49.49 11.74 11.30
C ASP B 184 49.10 12.88 12.23
N PRO B 185 47.97 13.57 11.98
CA PRO B 185 47.48 14.60 12.89
C PRO B 185 46.78 14.02 14.13
N GLU B 186 46.82 12.68 14.27
CA GLU B 186 46.27 11.87 15.37
C GLU B 186 44.86 12.34 15.72
N LEU B 187 43.97 12.34 14.73
CA LEU B 187 42.59 12.75 14.93
C LEU B 187 41.81 11.58 15.55
N HIS B 188 40.62 11.88 16.05
CA HIS B 188 39.68 10.86 16.51
C HIS B 188 38.40 10.94 15.68
N LEU B 189 38.22 9.96 14.80
CA LEU B 189 37.05 9.88 13.92
C LEU B 189 35.99 9.00 14.59
N PHE B 190 34.72 9.28 14.26
CA PHE B 190 33.61 8.50 14.77
C PHE B 190 32.41 8.64 13.82
N LEU B 191 31.61 7.58 13.75
CA LEU B 191 30.43 7.55 12.92
C LEU B 191 29.31 8.29 13.62
N ASN B 192 28.34 8.76 12.82
CA ASN B 192 27.12 9.36 13.32
C ASN B 192 26.12 8.24 13.65
N ASP B 193 26.16 7.15 12.88
CA ASP B 193 25.14 6.11 12.94
C ASP B 193 25.72 4.80 12.42
N TYR B 194 25.06 3.70 12.80
CA TYR B 194 25.42 2.35 12.42
C TYR B 194 26.75 1.98 13.08
N THR B 195 26.91 2.35 14.35
CA THR B 195 28.16 2.11 15.09
C THR B 195 28.23 0.66 15.56
N SER B 196 27.17 -0.12 15.28
CA SER B 196 27.05 -1.56 15.56
C SER B 196 27.40 -2.39 14.32
N VAL B 197 27.51 -1.72 13.15
CA VAL B 197 27.67 -2.37 11.86
C VAL B 197 29.07 -2.08 11.28
N PHE B 198 29.58 -0.86 11.46
CA PHE B 198 30.88 -0.43 10.90
C PHE B 198 31.75 0.23 11.99
N THR B 199 33.06 -0.05 11.98
CA THR B 199 34.10 0.70 12.73
C THR B 199 35.03 1.44 11.76
N VAL B 200 35.65 2.51 12.26
CA VAL B 200 36.79 3.14 11.62
C VAL B 200 38.05 2.59 12.30
N THR B 201 39.15 2.53 11.54
CA THR B 201 40.45 2.28 12.14
C THR B 201 40.77 3.50 12.99
N GLN B 202 41.40 3.29 14.14
CA GLN B 202 41.52 4.34 15.14
C GLN B 202 42.85 5.13 14.98
N THR B 203 43.68 4.77 14.00
CA THR B 203 45.01 5.38 13.86
C THR B 203 45.46 5.42 12.40
N GLY B 204 46.52 6.20 12.16
CA GLY B 204 47.14 6.36 10.85
C GLY B 204 46.56 7.56 10.10
N ILE B 205 47.39 8.16 9.25
CA ILE B 205 47.00 9.19 8.29
C ILE B 205 45.74 8.74 7.53
N THR B 206 45.71 7.47 7.10
CA THR B 206 44.60 6.92 6.32
C THR B 206 43.81 5.92 7.18
N ARG B 207 42.48 6.10 7.20
CA ARG B 207 41.59 5.23 7.96
C ARG B 207 40.72 4.43 7.00
N TYR B 208 40.29 3.24 7.44
CA TYR B 208 39.47 2.33 6.65
C TYR B 208 38.23 1.95 7.46
N LEU B 209 37.15 1.64 6.74
CA LEU B 209 35.92 1.16 7.34
C LEU B 209 35.91 -0.37 7.36
N THR B 210 35.94 -0.91 8.57
CA THR B 210 35.79 -2.33 8.86
C THR B 210 34.29 -2.63 9.03
N LEU B 211 33.91 -3.88 8.73
CA LEU B 211 32.54 -4.36 8.94
C LEU B 211 32.49 -5.18 10.24
N LEU B 212 31.49 -4.88 11.06
CA LEU B 212 31.45 -5.23 12.49
C LEU B 212 30.54 -6.45 12.75
N GLN B 213 29.64 -6.74 11.80
CA GLN B 213 28.72 -7.89 11.85
C GLN B 213 28.09 -8.08 10.48
N PRO B 214 27.85 -9.34 10.01
CA PRO B 214 27.40 -9.59 8.64
C PRO B 214 26.25 -8.67 8.19
N VAL B 215 26.32 -8.22 6.93
CA VAL B 215 25.26 -7.46 6.29
C VAL B 215 24.62 -8.33 5.21
N ASP B 216 23.42 -7.95 4.79
CA ASP B 216 22.54 -8.77 3.99
C ASP B 216 21.66 -7.85 3.15
N ARG B 217 21.77 -7.96 1.82
CA ARG B 217 21.14 -7.00 0.90
C ARG B 217 19.61 -7.13 0.96
N GLU B 218 19.12 -8.34 1.24
CA GLU B 218 17.69 -8.67 1.29
C GLU B 218 17.03 -8.05 2.54
N GLU B 219 17.86 -7.47 3.42
CA GLU B 219 17.42 -6.79 4.64
C GLU B 219 17.49 -5.28 4.44
N GLN B 220 18.65 -4.80 3.98
CA GLN B 220 18.91 -3.38 3.70
C GLN B 220 20.06 -3.25 2.70
N GLN B 221 19.81 -2.49 1.62
CA GLN B 221 20.70 -2.42 0.45
C GLN B 221 21.76 -1.32 0.62
N THR B 222 21.31 -0.07 0.77
CA THR B 222 22.21 1.08 0.91
C THR B 222 22.27 1.50 2.38
N TYR B 223 23.43 2.06 2.76
CA TYR B 223 23.70 2.61 4.10
C TYR B 223 24.28 4.01 3.94
N THR B 224 23.49 5.04 4.28
CA THR B 224 23.98 6.42 4.28
C THR B 224 24.14 6.90 5.72
N PHE B 225 25.28 7.57 5.97
CA PHE B 225 25.63 8.09 7.30
C PHE B 225 26.75 9.12 7.12
N SER B 226 27.28 9.64 8.24
CA SER B 226 28.32 10.65 8.20
C SER B 226 29.46 10.32 9.19
N ILE B 227 30.64 10.85 8.86
CA ILE B 227 31.83 10.79 9.70
C ILE B 227 32.12 12.20 10.21
N THR B 228 32.64 12.29 11.44
CA THR B 228 33.09 13.54 12.00
C THR B 228 34.46 13.31 12.64
N ALA B 229 35.42 14.17 12.28
CA ALA B 229 36.77 14.19 12.85
C ALA B 229 36.77 15.10 14.08
N PHE B 230 37.79 14.95 14.93
CA PHE B 230 37.93 15.73 16.14
C PHE B 230 39.42 15.83 16.48
N ASP B 231 39.90 17.04 16.81
CA ASP B 231 41.32 17.27 17.09
C ASP B 231 41.54 17.58 18.57
N GLY B 232 40.55 17.24 19.40
CA GLY B 232 40.59 17.52 20.82
C GLY B 232 39.82 18.77 21.21
N VAL B 233 39.57 19.68 20.26
CA VAL B 233 38.96 21.00 20.56
C VAL B 233 37.84 21.31 19.56
N GLN B 234 38.18 21.36 18.25
CA GLN B 234 37.22 21.67 17.19
C GLN B 234 36.88 20.39 16.43
N GLU B 235 35.65 20.33 15.87
CA GLU B 235 35.17 19.23 15.03
C GLU B 235 35.25 19.60 13.55
N SER B 236 34.98 18.62 12.68
CA SER B 236 34.93 18.80 11.22
C SER B 236 33.47 18.89 10.78
N GLU B 237 33.21 19.66 9.72
CA GLU B 237 31.90 19.62 9.08
C GLU B 237 31.64 18.16 8.72
N PRO B 238 30.55 17.54 9.21
CA PRO B 238 30.35 16.11 9.01
C PRO B 238 30.28 15.82 7.51
N VAL B 239 30.95 14.73 7.09
CA VAL B 239 31.05 14.32 5.69
C VAL B 239 30.16 13.09 5.48
N ILE B 240 29.31 13.17 4.45
CA ILE B 240 28.35 12.12 4.13
C ILE B 240 29.06 11.00 3.34
N VAL B 241 28.93 9.78 3.85
CA VAL B 241 29.47 8.57 3.23
C VAL B 241 28.29 7.63 2.92
N ASN B 242 28.28 7.10 1.69
CA ASN B 242 27.33 6.08 1.26
C ASN B 242 28.05 4.73 1.15
N ILE B 243 27.43 3.69 1.73
CA ILE B 243 27.81 2.29 1.51
C ILE B 243 26.74 1.60 0.65
N GLN B 244 27.21 0.85 -0.36
CA GLN B 244 26.34 0.04 -1.25
C GLN B 244 26.64 -1.44 -1.02
N VAL B 245 25.64 -2.17 -0.52
CA VAL B 245 25.73 -3.59 -0.32
C VAL B 245 25.45 -4.27 -1.67
N MET B 246 26.43 -5.07 -2.13
CA MET B 246 26.37 -5.75 -3.42
C MET B 246 25.89 -7.18 -3.20
N ASP B 247 25.22 -7.73 -4.23
CA ASP B 247 24.43 -8.95 -4.10
C ASP B 247 25.31 -10.17 -4.36
N ALA B 248 25.17 -11.16 -3.47
CA ALA B 248 25.65 -12.51 -3.62
C ALA B 248 24.43 -13.41 -3.87
N ASN B 249 24.54 -14.32 -4.85
CA ASN B 249 23.46 -15.23 -5.21
C ASN B 249 23.27 -16.27 -4.08
N ASP B 250 22.59 -15.86 -3.00
CA ASP B 250 22.52 -16.61 -1.74
C ASP B 250 21.08 -16.95 -1.39
N ASN B 251 20.19 -17.00 -2.39
CA ASN B 251 18.81 -17.49 -2.23
C ASN B 251 18.54 -18.55 -3.30
N THR B 252 17.92 -19.67 -2.89
CA THR B 252 17.49 -20.74 -3.81
C THR B 252 16.03 -20.49 -4.19
N PRO B 253 15.66 -20.52 -5.49
CA PRO B 253 14.26 -20.41 -5.89
C PRO B 253 13.37 -21.49 -5.24
N THR B 254 12.65 -21.12 -4.17
CA THR B 254 11.82 -22.05 -3.38
C THR B 254 10.35 -21.98 -3.83
N PHE B 255 9.69 -23.15 -3.85
CA PHE B 255 8.27 -23.29 -4.18
C PHE B 255 7.45 -23.25 -2.88
N PRO B 256 6.18 -22.77 -2.92
CA PRO B 256 5.30 -22.80 -1.74
C PRO B 256 5.30 -24.14 -0.97
N GLU B 257 4.87 -25.23 -1.63
CA GLU B 257 4.83 -26.58 -1.04
C GLU B 257 5.66 -27.53 -1.92
N ILE B 258 6.10 -28.66 -1.35
CA ILE B 258 7.05 -29.57 -2.01
C ILE B 258 6.31 -30.58 -2.90
N SER B 259 5.00 -30.77 -2.65
CA SER B 259 4.10 -31.56 -3.49
C SER B 259 3.13 -30.62 -4.23
N PRO B 270 -5.75 -29.49 -24.90
CA PRO B 270 -4.93 -29.25 -26.08
C PRO B 270 -4.73 -27.74 -26.34
N GLY B 271 -3.55 -27.23 -25.95
CA GLY B 271 -3.32 -25.79 -25.70
C GLY B 271 -3.74 -25.38 -24.29
N ASP B 272 -4.49 -26.29 -23.65
CA ASP B 272 -5.14 -26.18 -22.31
C ASP B 272 -4.11 -25.74 -21.26
N SER B 273 -4.58 -25.23 -20.11
CA SER B 273 -3.71 -24.83 -18.98
C SER B 273 -3.93 -25.79 -17.80
N VAL B 274 -2.84 -26.18 -17.12
CA VAL B 274 -2.89 -27.19 -16.05
C VAL B 274 -2.65 -26.52 -14.69
N ILE B 275 -1.52 -25.81 -14.54
CA ILE B 275 -1.18 -25.12 -13.29
C ILE B 275 -0.21 -23.97 -13.57
N GLN B 276 -0.49 -22.83 -12.93
CA GLN B 276 0.42 -21.68 -12.82
C GLN B 276 1.26 -21.86 -11.55
N LEU B 277 2.58 -22.00 -11.73
CA LEU B 277 3.52 -22.18 -10.63
C LEU B 277 4.42 -20.93 -10.51
N THR B 278 4.76 -20.57 -9.25
CA THR B 278 5.62 -19.42 -8.94
C THR B 278 6.51 -19.75 -7.73
N ALA B 279 7.79 -19.36 -7.83
CA ALA B 279 8.77 -19.45 -6.73
C ALA B 279 9.27 -18.03 -6.40
N VAL B 280 10.17 -17.94 -5.41
CA VAL B 280 10.68 -16.65 -4.95
C VAL B 280 12.21 -16.73 -4.76
N ASP B 281 12.92 -15.98 -5.61
CA ASP B 281 14.34 -15.74 -5.47
C ASP B 281 14.53 -14.25 -5.14
N ALA B 282 15.07 -13.99 -3.95
CA ALA B 282 15.22 -12.63 -3.43
C ALA B 282 16.21 -11.80 -4.27
N ASP B 283 17.29 -12.43 -4.72
CA ASP B 283 18.52 -11.74 -5.17
C ASP B 283 18.27 -10.85 -6.39
N GLU B 284 19.36 -10.26 -6.92
CA GLU B 284 19.36 -9.12 -7.86
C GLU B 284 19.64 -9.59 -9.29
N GLY B 285 18.93 -8.99 -10.26
CA GLY B 285 19.15 -9.23 -11.70
C GLY B 285 19.21 -10.71 -12.04
N SER B 286 20.29 -11.11 -12.72
CA SER B 286 20.59 -12.51 -13.05
C SER B 286 20.22 -13.41 -11.87
N ASN B 287 20.75 -13.05 -10.69
CA ASN B 287 20.70 -13.87 -9.48
C ASN B 287 19.24 -14.06 -9.02
N GLY B 288 18.34 -13.14 -9.40
CA GLY B 288 16.92 -13.16 -9.01
C GLY B 288 16.02 -13.76 -10.06
N GLU B 289 16.54 -13.93 -11.28
CA GLU B 289 15.77 -14.18 -12.50
C GLU B 289 15.57 -15.70 -12.69
N ILE B 290 14.30 -16.13 -12.56
CA ILE B 290 13.92 -17.55 -12.45
C ILE B 290 13.58 -18.12 -13.84
N THR B 291 13.90 -19.42 -14.04
CA THR B 291 13.54 -20.22 -15.25
C THR B 291 12.99 -21.59 -14.83
N TYR B 292 11.76 -21.91 -15.26
CA TYR B 292 11.04 -23.13 -14.87
C TYR B 292 11.20 -24.20 -15.96
N GLU B 293 11.24 -25.48 -15.54
CA GLU B 293 11.50 -26.59 -16.45
C GLU B 293 11.09 -27.93 -15.80
N ILE B 294 10.38 -28.76 -16.59
CA ILE B 294 10.01 -30.14 -16.21
C ILE B 294 11.20 -31.04 -16.50
N LEU B 295 11.83 -31.56 -15.44
CA LEU B 295 13.03 -32.40 -15.57
C LEU B 295 12.62 -33.75 -16.16
N VAL B 296 11.61 -34.38 -15.54
CA VAL B 296 11.23 -35.76 -15.81
C VAL B 296 9.74 -35.92 -15.47
N GLY B 297 9.09 -36.89 -16.13
CA GLY B 297 7.76 -37.39 -15.75
C GLY B 297 6.62 -36.80 -16.59
N ALA B 298 6.94 -36.04 -17.63
CA ALA B 298 5.96 -35.36 -18.50
C ALA B 298 5.28 -36.36 -19.45
N GLN B 299 6.11 -37.02 -20.28
CA GLN B 299 5.65 -37.93 -21.35
C GLN B 299 4.91 -37.13 -22.42
N GLY B 300 5.47 -35.96 -22.77
CA GLY B 300 4.95 -35.06 -23.80
C GLY B 300 3.45 -34.81 -23.69
N ASP B 301 2.90 -34.83 -22.47
CA ASP B 301 1.47 -34.57 -22.21
C ASP B 301 1.29 -33.13 -21.71
N PHE B 302 2.28 -32.62 -20.98
CA PHE B 302 2.31 -31.26 -20.46
C PHE B 302 3.65 -30.61 -20.84
N ILE B 303 3.61 -29.33 -21.24
CA ILE B 303 4.81 -28.45 -21.36
C ILE B 303 4.65 -27.26 -20.41
N ILE B 304 5.79 -26.65 -20.06
CA ILE B 304 5.85 -25.41 -19.28
C ILE B 304 6.59 -24.38 -20.14
N ASN B 305 6.25 -23.10 -19.98
CA ASN B 305 7.05 -22.04 -20.58
C ASN B 305 8.18 -21.67 -19.60
N LYS B 306 9.27 -21.17 -20.18
CA LYS B 306 10.56 -21.05 -19.52
C LYS B 306 10.51 -19.90 -18.49
N THR B 307 9.88 -18.79 -18.86
CA THR B 307 9.87 -17.58 -18.06
C THR B 307 8.63 -17.53 -17.16
N THR B 308 7.44 -17.82 -17.72
CA THR B 308 6.17 -17.66 -16.99
C THR B 308 5.96 -18.80 -15.98
N GLY B 309 6.56 -19.96 -16.22
CA GLY B 309 6.39 -21.14 -15.37
C GLY B 309 4.94 -21.60 -15.36
N LEU B 310 4.30 -21.51 -16.53
CA LEU B 310 2.91 -21.90 -16.75
C LEU B 310 2.89 -23.25 -17.45
N ILE B 311 2.23 -24.24 -16.83
CA ILE B 311 2.04 -25.55 -17.46
C ILE B 311 0.80 -25.48 -18.36
N THR B 312 0.96 -25.93 -19.61
CA THR B 312 -0.13 -26.14 -20.56
C THR B 312 -0.01 -27.58 -21.10
N ILE B 313 -1.13 -28.14 -21.60
CA ILE B 313 -1.10 -29.39 -22.36
C ILE B 313 -0.40 -29.10 -23.69
N ALA B 314 0.42 -30.05 -24.14
CA ALA B 314 1.28 -29.89 -25.31
C ALA B 314 0.45 -29.92 -26.59
N PRO B 315 0.93 -29.32 -27.70
CA PRO B 315 0.17 -29.25 -28.94
C PRO B 315 -0.33 -30.62 -29.46
N GLY B 316 -1.66 -30.74 -29.61
CA GLY B 316 -2.30 -31.91 -30.25
C GLY B 316 -2.13 -33.19 -29.47
N VAL B 317 -2.47 -33.15 -28.17
CA VAL B 317 -2.27 -34.27 -27.24
C VAL B 317 -3.61 -34.61 -26.58
N GLU B 318 -3.83 -35.90 -26.34
CA GLU B 318 -5.05 -36.43 -25.73
C GLU B 318 -4.73 -36.92 -24.30
N MET B 319 -5.77 -37.35 -23.59
CA MET B 319 -5.61 -37.93 -22.24
C MET B 319 -6.65 -39.05 -22.05
N ILE B 320 -6.47 -39.84 -20.97
CA ILE B 320 -7.31 -41.00 -20.65
C ILE B 320 -7.62 -40.98 -19.15
N VAL B 321 -8.76 -41.56 -18.78
CA VAL B 321 -9.27 -41.58 -17.38
C VAL B 321 -8.22 -42.23 -16.47
N GLY B 322 -7.83 -43.47 -16.81
CA GLY B 322 -6.91 -44.27 -16.00
C GLY B 322 -5.63 -43.54 -15.65
N ARG B 323 -5.04 -42.86 -16.64
CA ARG B 323 -3.62 -42.43 -16.60
C ARG B 323 -3.41 -41.34 -15.54
N THR B 324 -2.19 -41.34 -14.98
CA THR B 324 -1.74 -40.38 -13.99
C THR B 324 -0.26 -40.06 -14.27
N TYR B 325 0.27 -39.04 -13.58
CA TYR B 325 1.66 -38.58 -13.75
C TYR B 325 2.23 -38.05 -12.44
N ALA B 326 3.56 -37.93 -12.41
CA ALA B 326 4.31 -37.18 -11.40
C ALA B 326 5.42 -36.39 -12.09
N LEU B 327 5.29 -35.06 -12.10
CA LEU B 327 6.23 -34.16 -12.76
C LEU B 327 7.17 -33.54 -11.72
N THR B 328 8.46 -33.85 -11.84
CA THR B 328 9.52 -33.10 -11.21
C THR B 328 9.70 -31.79 -11.99
N VAL B 329 9.53 -30.66 -11.30
CA VAL B 329 9.73 -29.35 -11.92
C VAL B 329 10.81 -28.59 -11.15
N GLN B 330 11.81 -28.11 -11.89
CA GLN B 330 12.90 -27.34 -11.35
C GLN B 330 12.75 -25.89 -11.82
N ALA B 331 13.17 -24.98 -10.94
CA ALA B 331 13.43 -23.60 -11.25
C ALA B 331 14.84 -23.27 -10.76
N ALA B 332 15.60 -22.55 -11.60
CA ALA B 332 16.96 -22.18 -11.31
C ALA B 332 17.16 -20.71 -11.69
N ASP B 333 17.82 -19.96 -10.80
CA ASP B 333 18.11 -18.56 -11.06
C ASP B 333 19.09 -18.47 -12.23
N ASN B 334 19.37 -17.24 -12.68
CA ASN B 334 20.07 -16.98 -13.94
C ASN B 334 21.54 -16.62 -13.68
N ALA B 335 22.00 -16.81 -12.44
CA ALA B 335 23.39 -16.55 -12.06
C ALA B 335 24.34 -17.37 -12.93
N PRO B 336 25.65 -17.08 -12.89
CA PRO B 336 26.64 -17.97 -13.50
C PRO B 336 26.41 -19.42 -13.11
N PRO B 337 26.66 -20.39 -14.01
CA PRO B 337 26.63 -21.82 -13.67
C PRO B 337 27.30 -22.17 -12.33
N ALA B 338 28.51 -21.65 -12.09
CA ALA B 338 29.30 -22.00 -10.89
C ALA B 338 28.57 -21.62 -9.58
N GLU B 339 27.71 -20.59 -9.63
CA GLU B 339 27.04 -20.05 -8.43
C GLU B 339 25.57 -20.47 -8.37
N ARG B 340 25.03 -21.02 -9.47
CA ARG B 340 23.59 -21.07 -9.74
C ARG B 340 22.87 -22.03 -8.78
N ARG B 341 21.71 -21.60 -8.28
CA ARG B 341 20.88 -22.38 -7.34
C ARG B 341 19.56 -22.78 -8.00
N ASN B 342 18.89 -23.79 -7.40
CA ASN B 342 17.69 -24.39 -7.98
C ASN B 342 16.90 -25.14 -6.88
N SER B 343 15.68 -25.55 -7.24
CA SER B 343 14.82 -26.35 -6.38
C SER B 343 13.80 -27.11 -7.23
N ILE B 344 13.27 -28.21 -6.71
CA ILE B 344 12.36 -29.09 -7.45
C ILE B 344 11.06 -29.24 -6.66
N CYS B 345 10.04 -29.76 -7.36
CA CYS B 345 8.67 -29.81 -6.89
C CYS B 345 7.96 -31.00 -7.55
N THR B 346 7.14 -31.72 -6.78
CA THR B 346 6.35 -32.84 -7.31
C THR B 346 4.96 -32.32 -7.70
N VAL B 347 4.39 -32.97 -8.73
CA VAL B 347 3.12 -32.59 -9.37
C VAL B 347 2.37 -33.88 -9.73
N TYR B 348 1.78 -34.51 -8.70
CA TYR B 348 0.94 -35.72 -8.85
C TYR B 348 -0.36 -35.37 -9.59
N ILE B 349 -0.53 -35.92 -10.80
CA ILE B 349 -1.71 -35.66 -11.65
C ILE B 349 -2.52 -36.96 -11.84
N PRO C 2 -12.00 7.73 48.94
CA PRO C 2 -12.33 8.47 47.72
C PRO C 2 -13.57 7.89 47.02
N MET C 3 -13.91 8.47 45.86
CA MET C 3 -15.12 8.14 45.09
C MET C 3 -14.77 8.13 43.60
N PHE C 4 -15.41 7.22 42.85
CA PHE C 4 -15.15 6.98 41.43
C PHE C 4 -16.04 7.88 40.57
N LEU C 5 -15.49 8.41 39.46
CA LEU C 5 -16.23 9.29 38.53
C LEU C 5 -16.64 8.51 37.28
N PRO C 6 -17.85 8.79 36.77
CA PRO C 6 -18.71 9.86 37.26
C PRO C 6 -19.69 9.40 38.35
N CYS C 7 -20.19 10.35 39.16
CA CYS C 7 -21.22 10.07 40.17
C CYS C 7 -22.59 10.60 39.70
N VAL C 8 -23.43 9.65 39.26
CA VAL C 8 -24.81 9.89 38.86
C VAL C 8 -25.72 9.55 40.05
N LEU C 9 -26.44 10.55 40.57
CA LEU C 9 -27.37 10.33 41.67
C LEU C 9 -28.44 9.34 41.22
N VAL C 10 -28.85 8.47 42.14
CA VAL C 10 -30.06 7.67 41.98
C VAL C 10 -31.20 8.59 42.39
N PRO C 11 -32.23 8.80 41.54
CA PRO C 11 -33.34 9.69 41.90
C PRO C 11 -33.96 9.37 43.28
N ASN C 12 -33.95 10.38 44.17
CA ASN C 12 -34.62 10.37 45.50
C ASN C 12 -33.72 9.73 46.56
N THR C 13 -32.39 9.78 46.36
CA THR C 13 -31.38 9.38 47.36
C THR C 13 -30.14 10.26 47.15
N ARG C 14 -29.16 10.16 48.06
CA ARG C 14 -28.02 11.07 48.13
C ARG C 14 -26.70 10.32 47.87
N ASP C 15 -26.73 9.36 46.91
CA ASP C 15 -25.58 8.47 46.65
C ASP C 15 -25.52 8.07 45.17
N CYS C 16 -24.32 7.66 44.72
CA CYS C 16 -24.04 7.31 43.31
C CYS C 16 -24.58 5.92 43.01
N ARG C 17 -25.07 5.71 41.78
CA ARG C 17 -25.36 4.38 41.30
C ARG C 17 -24.03 3.71 40.99
N PRO C 18 -23.95 2.36 41.12
CA PRO C 18 -22.70 1.64 40.87
C PRO C 18 -22.35 1.70 39.38
N LEU C 19 -21.09 2.04 39.07
CA LEU C 19 -20.68 2.14 37.67
C LEU C 19 -19.74 0.98 37.33
N THR C 20 -19.94 0.46 36.10
CA THR C 20 -19.09 -0.49 35.44
C THR C 20 -18.41 0.26 34.30
N TYR C 21 -17.09 0.41 34.37
CA TYR C 21 -16.28 0.95 33.30
C TYR C 21 -16.26 -0.05 32.14
N GLN C 22 -15.78 0.40 30.98
CA GLN C 22 -15.95 -0.32 29.75
C GLN C 22 -14.70 -0.15 28.90
N ALA C 23 -14.24 -1.26 28.30
CA ALA C 23 -13.09 -1.24 27.39
C ALA C 23 -13.09 -2.52 26.55
N ALA C 24 -12.49 -2.46 25.37
CA ALA C 24 -12.52 -3.57 24.45
C ALA C 24 -11.24 -3.57 23.60
N ILE C 25 -10.75 -4.76 23.26
CA ILE C 25 -9.51 -4.91 22.54
C ILE C 25 -9.65 -6.05 21.54
N PRO C 26 -9.07 -5.90 20.33
CA PRO C 26 -8.98 -7.00 19.35
C PRO C 26 -8.13 -8.18 19.85
N GLU C 27 -8.58 -9.41 19.55
CA GLU C 27 -7.82 -10.62 19.84
C GLU C 27 -6.58 -10.63 18.95
N LEU C 28 -5.53 -11.29 19.45
CA LEU C 28 -4.39 -11.74 18.67
C LEU C 28 -3.36 -10.62 18.44
N ARG C 29 -3.76 -9.35 18.54
CA ARG C 29 -2.81 -8.23 18.48
C ARG C 29 -1.97 -8.20 19.76
N THR C 30 -0.80 -7.56 19.66
CA THR C 30 0.24 -7.58 20.70
C THR C 30 0.03 -6.48 21.73
N PRO C 31 0.76 -6.50 22.87
CA PRO C 31 0.84 -5.35 23.76
C PRO C 31 1.39 -4.08 23.10
N GLU C 32 2.54 -4.20 22.42
CA GLU C 32 3.13 -3.13 21.61
C GLU C 32 2.01 -2.41 20.83
N GLU C 33 1.18 -3.20 20.17
CA GLU C 33 0.18 -2.71 19.22
C GLU C 33 -0.92 -1.92 19.94
N LEU C 34 -1.43 -2.44 21.08
CA LEU C 34 -2.72 -2.00 21.65
C LEU C 34 -2.55 -1.08 22.85
N ASN C 35 -1.36 -1.03 23.45
CA ASN C 35 -1.15 -0.35 24.73
C ASN C 35 -0.98 1.15 24.52
N PRO C 36 -1.67 1.96 25.32
CA PRO C 36 -2.55 1.54 26.39
C PRO C 36 -3.98 1.26 25.90
N ILE C 37 -4.73 0.52 26.74
CA ILE C 37 -6.09 0.12 26.52
C ILE C 37 -6.99 1.23 27.07
N ILE C 38 -7.85 1.79 26.20
CA ILE C 38 -8.70 2.92 26.59
C ILE C 38 -9.92 2.39 27.34
N VAL C 39 -10.25 3.05 28.45
CA VAL C 39 -11.46 2.78 29.19
C VAL C 39 -12.42 3.98 29.05
N THR C 40 -13.65 3.73 28.60
CA THR C 40 -14.68 4.76 28.62
C THR C 40 -15.68 4.40 29.72
N PRO C 41 -16.05 5.32 30.63
CA PRO C 41 -15.35 6.59 30.83
C PRO C 41 -13.92 6.35 31.30
N PRO C 42 -12.99 7.33 31.16
CA PRO C 42 -11.68 7.23 31.80
C PRO C 42 -11.82 6.81 33.27
N ILE C 43 -10.89 5.98 33.76
CA ILE C 43 -10.86 5.62 35.18
C ILE C 43 -10.30 6.82 35.94
N GLN C 44 -11.11 7.41 36.82
CA GLN C 44 -10.71 8.50 37.71
C GLN C 44 -11.41 8.32 39.07
N ALA C 45 -10.72 8.73 40.16
CA ALA C 45 -11.31 8.81 41.50
C ALA C 45 -10.75 10.04 42.23
N ILE C 46 -11.56 10.61 43.15
CA ILE C 46 -11.21 11.85 43.85
C ILE C 46 -11.51 11.70 45.34
N ASP C 47 -10.74 12.42 46.16
CA ASP C 47 -10.99 12.59 47.59
C ASP C 47 -11.58 13.99 47.79
N GLN C 48 -12.02 14.29 49.02
CA GLN C 48 -12.59 15.59 49.39
C GLN C 48 -11.61 16.35 50.28
N ASP C 49 -10.99 17.40 49.71
CA ASP C 49 -9.94 18.20 50.36
C ASP C 49 -10.53 19.55 50.80
N PRO C 59 -1.79 13.49 49.96
CA PRO C 59 -2.72 12.35 50.04
C PRO C 59 -3.19 11.92 48.65
N GLY C 60 -2.44 11.01 48.02
CA GLY C 60 -2.73 10.48 46.68
C GLY C 60 -3.55 9.20 46.73
N ILE C 61 -4.22 8.90 45.60
CA ILE C 61 -5.11 7.74 45.45
C ILE C 61 -4.35 6.63 44.71
N LEU C 62 -4.57 5.38 45.12
CA LEU C 62 -3.93 4.20 44.51
C LEU C 62 -4.98 3.23 43.95
N TYR C 63 -4.77 2.83 42.68
CA TYR C 63 -5.70 2.01 41.91
C TYR C 63 -5.16 0.59 41.79
N SER C 64 -6.06 -0.38 41.76
CA SER C 64 -5.68 -1.77 41.75
C SER C 64 -6.87 -2.64 41.35
N ILE C 65 -6.59 -3.91 41.10
CA ILE C 65 -7.60 -4.88 40.67
C ILE C 65 -7.72 -5.93 41.79
N LEU C 66 -8.83 -5.85 42.51
CA LEU C 66 -9.05 -6.64 43.70
C LEU C 66 -9.26 -8.12 43.31
N VAL C 67 -10.19 -8.35 42.39
CA VAL C 67 -10.71 -9.67 42.04
C VAL C 67 -11.22 -9.57 40.60
N GLY C 68 -11.27 -10.71 39.90
CA GLY C 68 -11.90 -10.78 38.59
C GLY C 68 -12.10 -12.21 38.13
N THR C 69 -12.79 -12.34 36.98
CA THR C 69 -13.12 -13.62 36.39
C THR C 69 -13.13 -13.44 34.87
N PRO C 70 -12.50 -14.33 34.09
CA PRO C 70 -11.78 -15.50 34.60
C PRO C 70 -10.59 -15.17 35.52
N GLU C 71 -10.07 -16.19 36.19
CA GLU C 71 -9.14 -15.98 37.29
C GLU C 71 -7.72 -15.68 36.76
N ASP C 72 -7.49 -15.87 35.45
CA ASP C 72 -6.15 -15.67 34.88
C ASP C 72 -5.98 -14.24 34.33
N TYR C 73 -6.81 -13.31 34.81
CA TYR C 73 -6.74 -11.92 34.39
C TYR C 73 -5.36 -11.36 34.72
N PRO C 74 -4.66 -11.79 35.80
CA PRO C 74 -3.29 -11.32 36.06
C PRO C 74 -2.27 -11.69 34.99
N ARG C 75 -2.59 -12.70 34.18
CA ARG C 75 -1.71 -13.12 33.09
C ARG C 75 -1.66 -12.02 32.02
N PHE C 76 -2.76 -11.27 31.87
CA PHE C 76 -3.04 -10.41 30.72
C PHE C 76 -3.17 -8.92 31.07
N PHE C 77 -3.44 -8.60 32.34
CA PHE C 77 -3.83 -7.25 32.68
C PHE C 77 -3.03 -6.76 33.88
N HIS C 78 -2.38 -5.60 33.69
CA HIS C 78 -1.73 -4.84 34.73
C HIS C 78 -2.24 -3.40 34.74
N MET C 79 -2.89 -3.02 35.85
CA MET C 79 -3.27 -1.65 36.12
C MET C 79 -2.07 -0.93 36.76
N HIS C 80 -1.80 0.30 36.32
CA HIS C 80 -0.79 1.14 36.94
C HIS C 80 -1.39 1.77 38.21
N PRO C 81 -0.78 1.59 39.40
CA PRO C 81 -1.44 1.98 40.64
C PRO C 81 -1.55 3.50 40.87
N ARG C 82 -0.67 4.29 40.26
CA ARG C 82 -0.70 5.75 40.45
C ARG C 82 -1.65 6.40 39.45
N THR C 83 -1.81 5.80 38.26
CA THR C 83 -2.51 6.41 37.11
C THR C 83 -3.85 5.73 36.82
N ALA C 84 -3.98 4.44 37.19
CA ALA C 84 -5.12 3.54 36.85
C ALA C 84 -5.07 3.14 35.37
N GLU C 85 -4.03 3.57 34.65
CA GLU C 85 -3.79 3.15 33.29
C GLU C 85 -3.79 1.61 33.29
N LEU C 86 -4.33 1.01 32.23
CA LEU C 86 -4.53 -0.43 32.09
C LEU C 86 -3.70 -0.92 30.90
N SER C 87 -2.66 -1.72 31.20
CA SER C 87 -1.76 -2.26 30.21
C SER C 87 -2.09 -3.74 29.98
N LEU C 88 -2.00 -4.17 28.71
CA LEU C 88 -2.15 -5.58 28.35
C LEU C 88 -0.77 -6.25 28.31
N LEU C 89 -0.63 -7.40 28.98
CA LEU C 89 0.64 -8.13 29.10
C LEU C 89 0.83 -9.20 28.00
N GLU C 90 -0.24 -9.56 27.27
CA GLU C 90 -0.17 -10.68 26.33
C GLU C 90 -1.24 -10.57 25.26
N PRO C 91 -0.99 -11.12 24.05
CA PRO C 91 -2.05 -11.33 23.07
C PRO C 91 -3.07 -12.33 23.63
N VAL C 92 -4.34 -12.03 23.41
CA VAL C 92 -5.46 -12.82 23.87
C VAL C 92 -6.04 -13.52 22.65
N ASN C 93 -6.28 -14.83 22.78
CA ASN C 93 -7.01 -15.59 21.78
C ASN C 93 -8.47 -15.64 22.23
N ARG C 94 -9.37 -15.16 21.37
CA ARG C 94 -10.81 -15.05 21.67
C ARG C 94 -11.44 -16.41 21.93
N ASP C 95 -10.94 -17.44 21.23
CA ASP C 95 -11.48 -18.78 21.27
C ASP C 95 -11.34 -19.38 22.68
N PHE C 96 -10.47 -18.77 23.51
CA PHE C 96 -10.24 -19.19 24.86
C PHE C 96 -10.91 -18.22 25.84
N HIS C 97 -10.79 -16.92 25.55
CA HIS C 97 -11.27 -15.85 26.40
C HIS C 97 -12.07 -14.85 25.58
N GLN C 98 -13.36 -14.74 25.91
CA GLN C 98 -14.30 -13.88 25.20
C GLN C 98 -14.40 -12.53 25.92
N LYS C 99 -14.13 -12.49 27.23
CA LYS C 99 -14.34 -11.29 28.05
C LYS C 99 -13.82 -11.47 29.47
N PHE C 100 -13.57 -10.35 30.15
CA PHE C 100 -13.20 -10.33 31.56
C PHE C 100 -14.07 -9.30 32.30
N ASP C 101 -14.48 -9.65 33.51
CA ASP C 101 -15.21 -8.77 34.39
C ASP C 101 -14.44 -8.63 35.69
N LEU C 102 -13.99 -7.42 35.98
CA LEU C 102 -13.14 -7.18 37.13
C LEU C 102 -13.86 -6.27 38.13
N VAL C 103 -13.31 -6.22 39.34
CA VAL C 103 -13.58 -5.19 40.28
C VAL C 103 -12.29 -4.42 40.47
N ILE C 104 -12.31 -3.13 40.11
CA ILE C 104 -11.26 -2.20 40.44
C ILE C 104 -11.51 -1.72 41.87
N LYS C 105 -10.44 -1.26 42.52
CA LYS C 105 -10.50 -0.60 43.79
C LYS C 105 -9.64 0.67 43.73
N ALA C 106 -10.08 1.71 44.43
CA ALA C 106 -9.27 2.89 44.67
C ALA C 106 -9.28 3.20 46.17
N GLU C 107 -8.11 3.53 46.71
CA GLU C 107 -7.89 3.74 48.13
C GLU C 107 -6.85 4.85 48.35
N GLN C 108 -6.99 5.57 49.47
CA GLN C 108 -6.06 6.63 49.89
C GLN C 108 -4.94 6.03 50.72
N ASP C 109 -3.69 6.33 50.33
CA ASP C 109 -2.48 5.89 51.04
C ASP C 109 -2.42 6.54 52.43
N ASN C 110 -2.92 7.78 52.51
CA ASN C 110 -2.74 8.66 53.67
C ASN C 110 -3.80 8.31 54.73
N GLY C 111 -3.31 7.89 55.91
CA GLY C 111 -4.15 7.50 57.03
C GLY C 111 -4.96 6.24 56.74
N HIS C 112 -5.83 5.87 57.69
CA HIS C 112 -6.74 4.74 57.57
C HIS C 112 -7.96 5.18 56.76
N PRO C 113 -8.08 4.82 55.46
CA PRO C 113 -9.07 5.42 54.57
C PRO C 113 -10.41 4.65 54.51
N LEU C 114 -11.22 4.93 53.47
CA LEU C 114 -12.38 4.09 53.13
C LEU C 114 -12.46 3.92 51.61
N PRO C 115 -12.16 2.71 51.08
CA PRO C 115 -11.87 2.51 49.67
C PRO C 115 -13.11 2.45 48.75
N ALA C 116 -12.92 2.86 47.49
CA ALA C 116 -13.97 2.83 46.48
C ALA C 116 -13.95 1.51 45.72
N PHE C 117 -15.03 1.24 44.97
CA PHE C 117 -15.15 0.03 44.16
C PHE C 117 -15.98 0.33 42.91
N ALA C 118 -15.57 -0.24 41.77
CA ALA C 118 -16.27 -0.09 40.51
C ALA C 118 -15.96 -1.30 39.64
N GLY C 119 -16.92 -1.68 38.79
CA GLY C 119 -16.73 -2.77 37.85
C GLY C 119 -15.95 -2.29 36.65
N LEU C 120 -15.31 -3.25 35.95
CA LEU C 120 -14.61 -3.03 34.68
C LEU C 120 -14.74 -4.28 33.81
N HIS C 121 -15.50 -4.13 32.71
CA HIS C 121 -15.75 -5.13 31.71
C HIS C 121 -14.82 -4.91 30.51
N ILE C 122 -14.16 -5.97 30.06
CA ILE C 122 -13.20 -5.94 28.96
C ILE C 122 -13.65 -6.97 27.93
N GLU C 123 -14.06 -6.49 26.75
CA GLU C 123 -14.63 -7.33 25.73
C GLU C 123 -13.51 -7.60 24.72
N ILE C 124 -13.23 -8.88 24.45
CA ILE C 124 -12.31 -9.29 23.37
C ILE C 124 -13.09 -9.37 22.05
N LEU C 125 -12.63 -8.61 21.06
CA LEU C 125 -13.31 -8.44 19.78
C LEU C 125 -12.69 -9.37 18.72
N ASP C 126 -13.55 -9.90 17.85
CA ASP C 126 -13.10 -10.54 16.63
C ASP C 126 -12.72 -9.42 15.66
N GLU C 127 -11.43 -9.32 15.34
CA GLU C 127 -10.99 -8.31 14.41
C GLU C 127 -11.62 -8.67 13.05
N ASN C 128 -12.21 -7.67 12.37
CA ASN C 128 -12.69 -7.81 10.99
C ASN C 128 -11.49 -7.69 10.04
N ASN C 129 -10.64 -8.71 10.06
CA ASN C 129 -9.47 -8.76 9.23
C ASN C 129 -9.54 -10.02 8.36
N GLN C 130 -10.74 -10.59 8.20
CA GLN C 130 -10.98 -11.70 7.28
C GLN C 130 -11.97 -11.29 6.18
N SER C 131 -11.63 -11.79 4.99
CA SER C 131 -12.21 -11.39 3.72
C SER C 131 -13.36 -12.32 3.38
N PRO C 132 -14.57 -11.81 3.05
CA PRO C 132 -15.73 -12.68 2.81
C PRO C 132 -15.46 -13.57 1.59
N TYR C 133 -16.19 -14.70 1.50
CA TYR C 133 -15.95 -15.67 0.45
C TYR C 133 -17.29 -16.25 -0.01
N PHE C 134 -17.34 -16.70 -1.27
CA PHE C 134 -18.52 -17.39 -1.80
C PHE C 134 -18.33 -18.90 -1.62
N THR C 135 -19.40 -19.58 -1.22
CA THR C 135 -19.40 -21.03 -0.96
C THR C 135 -19.29 -21.85 -2.25
N MET C 136 -19.42 -21.21 -3.42
CA MET C 136 -19.25 -21.87 -4.71
C MET C 136 -18.19 -21.16 -5.53
N PRO C 137 -17.49 -21.87 -6.44
CA PRO C 137 -16.40 -21.26 -7.19
C PRO C 137 -16.90 -20.43 -8.38
N SER C 138 -18.21 -20.55 -8.63
CA SER C 138 -18.84 -20.21 -9.90
C SER C 138 -20.35 -20.43 -9.75
N TYR C 139 -21.16 -19.68 -10.51
CA TYR C 139 -22.62 -19.71 -10.41
C TYR C 139 -23.22 -19.70 -11.83
N GLN C 140 -24.21 -20.58 -12.08
CA GLN C 140 -24.85 -20.66 -13.39
C GLN C 140 -26.36 -20.53 -13.22
N GLY C 141 -26.91 -19.48 -13.83
CA GLY C 141 -28.33 -19.16 -13.72
C GLY C 141 -29.03 -19.30 -15.06
N TYR C 142 -30.38 -19.27 -14.99
CA TYR C 142 -31.26 -19.40 -16.15
C TYR C 142 -32.48 -18.48 -15.95
N ILE C 143 -32.92 -17.82 -17.01
CA ILE C 143 -34.10 -16.95 -16.99
C ILE C 143 -34.79 -17.01 -18.37
N LEU C 144 -36.11 -17.20 -18.36
CA LEU C 144 -36.90 -17.19 -19.58
C LEU C 144 -37.03 -15.75 -20.12
N GLU C 145 -36.84 -15.54 -21.44
CA GLU C 145 -36.98 -14.20 -22.07
C GLU C 145 -38.19 -13.42 -21.55
N SER C 146 -39.32 -14.12 -21.46
CA SER C 146 -40.65 -13.53 -21.34
C SER C 146 -40.89 -13.00 -19.92
N ALA C 147 -40.09 -13.48 -18.96
CA ALA C 147 -40.16 -13.09 -17.54
C ALA C 147 -40.21 -11.58 -17.42
N PRO C 148 -41.14 -11.05 -16.58
CA PRO C 148 -41.28 -9.61 -16.39
C PRO C 148 -40.08 -9.03 -15.63
N VAL C 149 -39.97 -7.69 -15.61
CA VAL C 149 -39.07 -7.05 -14.66
C VAL C 149 -39.43 -7.66 -13.30
N GLY C 150 -38.46 -7.69 -12.37
CA GLY C 150 -38.70 -8.12 -11.00
C GLY C 150 -38.52 -9.62 -10.80
N ALA C 151 -38.48 -10.40 -11.89
CA ALA C 151 -38.44 -11.88 -11.83
C ALA C 151 -37.08 -12.36 -11.31
N THR C 152 -37.09 -13.57 -10.73
CA THR C 152 -35.95 -14.15 -10.03
C THR C 152 -35.18 -15.11 -10.93
N ILE C 153 -33.84 -15.01 -10.96
CA ILE C 153 -33.00 -15.94 -11.76
C ILE C 153 -33.13 -17.32 -11.14
N SER C 154 -33.24 -18.34 -11.98
CA SER C 154 -33.31 -19.74 -11.55
C SER C 154 -31.92 -20.37 -11.67
N ASP C 155 -31.78 -21.56 -11.10
CA ASP C 155 -30.50 -22.26 -10.97
C ASP C 155 -30.44 -23.47 -11.89
N SER C 156 -31.51 -23.70 -12.67
CA SER C 156 -31.61 -24.84 -13.59
C SER C 156 -32.60 -24.53 -14.72
N LEU C 157 -32.53 -25.33 -15.79
CA LEU C 157 -33.35 -25.20 -16.99
C LEU C 157 -34.85 -25.21 -16.68
N ASN C 158 -35.24 -25.75 -15.51
CA ASN C 158 -36.63 -26.01 -15.18
C ASN C 158 -37.32 -24.78 -14.58
N LEU C 159 -36.58 -23.68 -14.36
CA LEU C 159 -37.11 -22.45 -13.78
C LEU C 159 -37.98 -22.74 -12.56
N THR C 160 -37.62 -23.76 -11.77
CA THR C 160 -38.49 -24.23 -10.66
C THR C 160 -37.98 -23.63 -9.34
N SER C 161 -36.65 -23.68 -9.14
CA SER C 161 -36.00 -23.14 -7.92
C SER C 161 -35.21 -21.89 -8.27
N PRO C 162 -35.01 -20.96 -7.31
CA PRO C 162 -34.16 -19.78 -7.51
C PRO C 162 -32.65 -20.04 -7.34
N LEU C 163 -31.84 -19.08 -7.81
CA LEU C 163 -30.38 -19.12 -7.71
C LEU C 163 -29.98 -18.64 -6.32
N ARG C 164 -29.18 -19.45 -5.63
CA ARG C 164 -28.80 -19.21 -4.25
C ARG C 164 -27.32 -18.80 -4.24
N ILE C 165 -27.05 -17.53 -3.91
CA ILE C 165 -25.70 -16.99 -3.75
C ILE C 165 -25.43 -16.80 -2.25
N VAL C 166 -24.48 -17.58 -1.75
CA VAL C 166 -24.14 -17.61 -0.33
C VAL C 166 -22.71 -17.09 -0.16
N ALA C 167 -22.61 -15.99 0.60
CA ALA C 167 -21.33 -15.40 0.96
C ALA C 167 -21.23 -15.38 2.48
N LEU C 168 -20.09 -15.85 2.99
CA LEU C 168 -19.83 -15.97 4.43
C LEU C 168 -18.57 -15.19 4.79
N ASP C 169 -18.28 -15.09 6.08
CA ASP C 169 -17.17 -14.28 6.55
C ASP C 169 -16.70 -14.85 7.89
N LYS C 170 -15.48 -15.41 7.92
CA LYS C 170 -14.93 -16.05 9.15
C LYS C 170 -15.16 -15.18 10.38
N ASP C 171 -14.84 -13.88 10.27
CA ASP C 171 -14.96 -12.90 11.35
C ASP C 171 -16.30 -12.98 12.09
N ILE C 172 -17.37 -13.37 11.39
CA ILE C 172 -18.73 -13.38 11.94
C ILE C 172 -19.12 -14.79 12.40
N GLU C 173 -18.73 -15.80 11.62
CA GLU C 173 -18.95 -17.19 11.97
C GLU C 173 -18.05 -18.09 11.12
N ASP C 174 -17.51 -19.12 11.79
CA ASP C 174 -16.61 -20.10 11.19
C ASP C 174 -17.41 -21.37 10.85
N VAL C 175 -17.82 -21.47 9.58
CA VAL C 175 -18.53 -22.63 9.07
C VAL C 175 -17.51 -23.56 8.40
N PRO C 176 -17.67 -24.91 8.52
CA PRO C 176 -16.86 -25.86 7.74
C PRO C 176 -17.39 -25.98 6.30
N PRO C 177 -16.54 -26.33 5.31
CA PRO C 177 -16.95 -26.34 3.90
C PRO C 177 -18.33 -26.96 3.61
N SER C 178 -18.76 -27.91 4.44
CA SER C 178 -20.08 -28.57 4.33
C SER C 178 -21.21 -27.69 4.89
N GLY C 179 -20.92 -27.03 6.01
CA GLY C 179 -21.86 -26.76 7.12
C GLY C 179 -23.03 -25.87 6.76
N VAL C 180 -23.65 -25.31 7.82
CA VAL C 180 -24.89 -24.52 7.74
C VAL C 180 -24.65 -23.22 8.51
N PRO C 181 -24.69 -22.05 7.85
CA PRO C 181 -24.58 -20.78 8.59
C PRO C 181 -25.84 -20.49 9.41
N THR C 182 -25.64 -19.75 10.52
CA THR C 182 -26.67 -19.32 11.46
C THR C 182 -26.81 -17.80 11.43
N LYS C 183 -25.67 -17.10 11.61
CA LYS C 183 -25.61 -15.63 11.65
C LYS C 183 -25.33 -15.06 10.25
N ASP C 184 -26.08 -14.00 9.94
CA ASP C 184 -26.02 -13.25 8.68
C ASP C 184 -24.92 -12.20 8.82
N PRO C 185 -23.86 -12.24 7.97
CA PRO C 185 -22.74 -11.32 8.11
C PRO C 185 -22.93 -9.92 7.51
N GLU C 186 -24.15 -9.59 7.06
CA GLU C 186 -24.51 -8.22 6.63
C GLU C 186 -23.48 -7.68 5.63
N LEU C 187 -23.12 -8.50 4.63
CA LEU C 187 -22.21 -8.10 3.59
C LEU C 187 -22.96 -7.30 2.52
N HIS C 188 -22.18 -6.69 1.62
CA HIS C 188 -22.67 -5.98 0.47
C HIS C 188 -22.11 -6.64 -0.80
N LEU C 189 -22.99 -6.95 -1.75
CA LEU C 189 -22.58 -7.59 -2.94
C LEU C 189 -22.74 -6.63 -4.12
N PHE C 190 -21.69 -6.48 -4.93
CA PHE C 190 -21.71 -5.59 -6.10
C PHE C 190 -21.44 -6.38 -7.38
N LEU C 191 -22.34 -6.26 -8.34
CA LEU C 191 -22.10 -6.77 -9.69
C LEU C 191 -21.05 -5.89 -10.33
N ASN C 192 -20.19 -6.48 -11.15
CA ASN C 192 -19.07 -5.77 -11.73
C ASN C 192 -19.40 -5.43 -13.19
N ASP C 193 -20.58 -5.82 -13.67
CA ASP C 193 -21.09 -5.49 -15.00
C ASP C 193 -22.60 -5.74 -14.99
N TYR C 194 -23.33 -5.25 -15.98
CA TYR C 194 -24.80 -5.40 -16.04
C TYR C 194 -25.52 -4.97 -14.73
N THR C 195 -25.07 -3.87 -14.11
CA THR C 195 -25.75 -3.33 -12.94
C THR C 195 -27.10 -2.69 -13.30
N SER C 196 -27.44 -2.58 -14.59
CA SER C 196 -28.74 -2.00 -15.00
C SER C 196 -29.60 -3.06 -15.71
N VAL C 197 -29.26 -4.32 -15.47
CA VAL C 197 -30.02 -5.44 -16.04
C VAL C 197 -30.43 -6.36 -14.89
N PHE C 198 -29.55 -6.48 -13.90
CA PHE C 198 -29.65 -7.42 -12.82
C PHE C 198 -29.30 -6.72 -11.52
N THR C 199 -30.01 -7.10 -10.47
CA THR C 199 -29.81 -6.59 -9.13
C THR C 199 -29.70 -7.79 -8.20
N VAL C 200 -29.30 -7.51 -6.96
CA VAL C 200 -29.11 -8.54 -5.96
C VAL C 200 -29.65 -8.05 -4.60
N THR C 201 -30.41 -8.90 -3.94
CA THR C 201 -30.97 -8.62 -2.64
C THR C 201 -29.81 -8.26 -1.70
N GLN C 202 -30.02 -7.22 -0.89
CA GLN C 202 -28.95 -6.59 -0.14
C GLN C 202 -28.97 -7.02 1.33
N THR C 203 -29.86 -7.95 1.71
CA THR C 203 -29.79 -8.60 3.05
C THR C 203 -30.16 -10.08 2.97
N GLY C 204 -29.58 -10.86 3.89
CA GLY C 204 -29.83 -12.28 4.05
C GLY C 204 -28.55 -13.09 3.89
N ILE C 205 -28.53 -14.27 4.52
CA ILE C 205 -27.45 -15.23 4.37
C ILE C 205 -27.43 -15.74 2.91
N THR C 206 -28.60 -15.78 2.28
CA THR C 206 -28.78 -16.21 0.92
C THR C 206 -29.28 -15.01 0.12
N ARG C 207 -28.50 -14.57 -0.89
CA ARG C 207 -28.90 -13.46 -1.74
C ARG C 207 -29.43 -14.04 -3.05
N TYR C 208 -30.20 -13.24 -3.79
CA TYR C 208 -30.83 -13.67 -5.05
C TYR C 208 -30.76 -12.55 -6.09
N LEU C 209 -30.77 -12.94 -7.37
CA LEU C 209 -30.69 -12.05 -8.52
C LEU C 209 -32.08 -11.88 -9.15
N THR C 210 -32.46 -10.63 -9.46
CA THR C 210 -33.74 -10.37 -10.08
C THR C 210 -33.56 -9.38 -11.22
N LEU C 211 -34.52 -9.41 -12.18
CA LEU C 211 -34.47 -8.60 -13.38
C LEU C 211 -34.80 -7.14 -13.06
N LEU C 212 -33.95 -6.23 -13.53
CA LEU C 212 -34.26 -4.81 -13.54
C LEU C 212 -34.87 -4.44 -14.89
N GLN C 213 -34.62 -5.25 -15.92
CA GLN C 213 -35.08 -4.99 -17.30
C GLN C 213 -35.48 -6.30 -17.96
N PRO C 214 -36.31 -6.30 -19.03
CA PRO C 214 -36.61 -7.52 -19.77
C PRO C 214 -35.33 -7.89 -20.54
N VAL C 215 -35.23 -9.15 -20.98
CA VAL C 215 -34.11 -9.64 -21.78
C VAL C 215 -34.66 -10.37 -23.02
N ASP C 216 -33.77 -10.66 -23.96
CA ASP C 216 -34.15 -11.09 -25.32
C ASP C 216 -33.17 -12.16 -25.83
N ARG C 217 -33.59 -13.42 -25.86
CA ARG C 217 -32.70 -14.47 -26.32
C ARG C 217 -32.06 -14.06 -27.66
N GLU C 218 -32.82 -13.38 -28.54
CA GLU C 218 -32.40 -13.15 -29.93
C GLU C 218 -31.40 -12.00 -30.05
N GLU C 219 -31.18 -11.24 -28.96
CA GLU C 219 -30.22 -10.12 -28.92
C GLU C 219 -28.95 -10.60 -28.22
N GLN C 220 -29.12 -11.13 -27.02
CA GLN C 220 -28.01 -11.64 -26.27
C GLN C 220 -28.53 -12.73 -25.34
N GLN C 221 -27.92 -13.92 -25.41
CA GLN C 221 -28.48 -15.12 -24.79
C GLN C 221 -27.61 -15.56 -23.59
N THR C 222 -26.44 -14.94 -23.39
CA THR C 222 -25.56 -15.27 -22.29
C THR C 222 -24.92 -14.01 -21.68
N TYR C 223 -25.12 -13.88 -20.37
CA TYR C 223 -24.46 -12.90 -19.56
C TYR C 223 -23.43 -13.58 -18.65
N THR C 224 -22.16 -13.33 -18.92
CA THR C 224 -21.08 -13.63 -18.00
C THR C 224 -20.69 -12.31 -17.32
N PHE C 225 -20.40 -12.38 -16.02
CA PHE C 225 -20.01 -11.23 -15.24
C PHE C 225 -19.70 -11.72 -13.83
N SER C 226 -19.06 -10.89 -13.00
CA SER C 226 -18.61 -11.31 -11.66
C SER C 226 -19.29 -10.50 -10.56
N ILE C 227 -19.35 -11.07 -9.35
CA ILE C 227 -19.85 -10.37 -8.15
C ILE C 227 -18.74 -10.32 -7.10
N THR C 228 -18.62 -9.18 -6.41
CA THR C 228 -17.70 -9.05 -5.30
C THR C 228 -18.50 -8.93 -4.00
N ALA C 229 -18.10 -9.68 -2.97
CA ALA C 229 -18.60 -9.48 -1.62
C ALA C 229 -17.69 -8.51 -0.84
N PHE C 230 -18.31 -7.61 -0.06
CA PHE C 230 -17.65 -6.54 0.66
C PHE C 230 -18.17 -6.52 2.09
N ASP C 231 -17.27 -6.33 3.06
CA ASP C 231 -17.58 -6.58 4.46
C ASP C 231 -17.36 -5.30 5.28
N GLY C 232 -17.23 -4.16 4.59
CA GLY C 232 -16.96 -2.89 5.23
C GLY C 232 -15.48 -2.56 5.21
N VAL C 233 -14.61 -3.58 5.17
CA VAL C 233 -13.14 -3.41 5.16
C VAL C 233 -12.48 -4.18 4.00
N GLN C 234 -12.92 -5.40 3.70
CA GLN C 234 -12.26 -6.17 2.65
C GLN C 234 -13.26 -6.61 1.59
N GLU C 235 -12.75 -6.86 0.39
CA GLU C 235 -13.51 -7.46 -0.69
C GLU C 235 -13.16 -8.94 -0.74
N SER C 236 -14.16 -9.78 -1.05
CA SER C 236 -13.92 -11.12 -1.52
C SER C 236 -13.19 -11.05 -2.84
N GLU C 237 -12.75 -12.21 -3.31
CA GLU C 237 -12.34 -12.40 -4.67
C GLU C 237 -13.59 -12.39 -5.55
N PRO C 238 -13.58 -11.76 -6.74
CA PRO C 238 -14.75 -11.74 -7.61
C PRO C 238 -15.11 -13.16 -8.07
N VAL C 239 -16.36 -13.59 -7.88
CA VAL C 239 -16.78 -14.89 -8.31
C VAL C 239 -17.48 -14.71 -9.65
N ILE C 240 -17.38 -15.70 -10.55
CA ILE C 240 -17.98 -15.57 -11.91
C ILE C 240 -19.42 -16.11 -11.91
N VAL C 241 -20.35 -15.29 -12.42
CA VAL C 241 -21.73 -15.67 -12.68
C VAL C 241 -21.98 -15.71 -14.18
N ASN C 242 -22.57 -16.81 -14.66
CA ASN C 242 -23.12 -16.91 -15.99
C ASN C 242 -24.64 -16.99 -15.87
N ILE C 243 -25.36 -16.17 -16.63
CA ILE C 243 -26.82 -16.29 -16.74
C ILE C 243 -27.20 -16.59 -18.21
N GLN C 244 -28.07 -17.58 -18.41
CA GLN C 244 -28.53 -18.03 -19.72
C GLN C 244 -30.00 -17.65 -19.88
N VAL C 245 -30.31 -17.06 -21.04
CA VAL C 245 -31.64 -16.62 -21.42
C VAL C 245 -32.22 -17.74 -22.28
N MET C 246 -33.26 -18.40 -21.77
CA MET C 246 -33.87 -19.48 -22.51
C MET C 246 -35.01 -18.96 -23.40
N ASP C 247 -35.17 -19.62 -24.56
CA ASP C 247 -36.03 -19.16 -25.66
C ASP C 247 -37.51 -19.25 -25.28
N ALA C 248 -38.26 -18.21 -25.68
CA ALA C 248 -39.70 -18.22 -25.70
C ALA C 248 -40.14 -17.91 -27.13
N ASN C 249 -41.43 -18.12 -27.42
CA ASN C 249 -41.95 -17.95 -28.77
C ASN C 249 -42.48 -16.53 -28.96
N ASP C 250 -41.56 -15.55 -29.01
CA ASP C 250 -41.91 -14.15 -29.11
C ASP C 250 -41.78 -13.64 -30.55
N ASN C 251 -41.48 -14.52 -31.51
CA ASN C 251 -41.27 -14.11 -32.92
C ASN C 251 -42.30 -14.78 -33.85
N THR C 252 -42.92 -13.95 -34.69
CA THR C 252 -43.90 -14.41 -35.66
C THR C 252 -43.21 -14.65 -37.02
N PRO C 253 -43.51 -15.77 -37.72
CA PRO C 253 -43.01 -15.96 -39.08
C PRO C 253 -43.52 -14.81 -39.95
N THR C 254 -42.58 -13.98 -40.41
CA THR C 254 -42.90 -12.76 -41.10
C THR C 254 -42.37 -12.83 -42.54
N PHE C 255 -43.19 -12.38 -43.49
CA PHE C 255 -42.78 -12.26 -44.89
C PHE C 255 -42.16 -10.90 -45.14
N PRO C 256 -41.16 -10.79 -46.04
CA PRO C 256 -40.64 -9.48 -46.44
C PRO C 256 -41.71 -8.48 -46.92
N GLU C 257 -42.80 -9.00 -47.52
CA GLU C 257 -43.87 -8.21 -48.15
C GLU C 257 -45.26 -8.68 -47.72
N ILE C 258 -46.24 -7.78 -47.88
CA ILE C 258 -47.63 -8.07 -47.51
C ILE C 258 -48.24 -8.90 -48.65
N SER C 259 -47.99 -8.46 -49.89
CA SER C 259 -48.50 -9.10 -51.04
C SER C 259 -47.41 -9.18 -52.12
N TYR C 260 -47.54 -10.18 -53.00
CA TYR C 260 -46.71 -10.37 -54.18
C TYR C 260 -47.60 -10.28 -55.43
N ASP C 261 -46.99 -9.89 -56.57
CA ASP C 261 -47.60 -9.94 -57.91
C ASP C 261 -46.74 -10.88 -58.75
N VAL C 262 -47.37 -11.84 -59.42
CA VAL C 262 -46.67 -12.92 -60.08
C VAL C 262 -47.31 -13.13 -61.46
N TYR C 263 -46.51 -13.63 -62.40
CA TYR C 263 -46.97 -13.88 -63.75
C TYR C 263 -46.46 -15.24 -64.22
N VAL C 264 -47.39 -16.06 -64.72
CA VAL C 264 -47.10 -17.35 -65.30
C VAL C 264 -47.60 -17.33 -66.75
N TYR C 265 -47.13 -18.30 -67.54
CA TYR C 265 -47.39 -18.37 -68.98
C TYR C 265 -48.02 -19.74 -69.32
N THR C 266 -48.87 -19.74 -70.36
CA THR C 266 -49.73 -20.88 -70.75
C THR C 266 -48.93 -22.17 -70.98
N ASP C 267 -47.67 -22.03 -71.39
CA ASP C 267 -46.80 -23.15 -71.71
C ASP C 267 -46.05 -23.68 -70.46
N MET C 268 -46.25 -23.07 -69.29
CA MET C 268 -45.68 -23.65 -68.07
C MET C 268 -46.47 -24.92 -67.74
N ARG C 269 -45.78 -26.01 -67.45
CA ARG C 269 -46.42 -27.30 -67.18
C ARG C 269 -46.22 -27.69 -65.72
N PRO C 270 -47.09 -28.57 -65.16
CA PRO C 270 -47.04 -28.96 -63.74
C PRO C 270 -45.66 -29.35 -63.18
N GLY C 271 -45.29 -28.73 -62.05
CA GLY C 271 -44.03 -28.93 -61.37
C GLY C 271 -43.15 -27.69 -61.42
N ASP C 272 -43.38 -26.83 -62.41
CA ASP C 272 -42.63 -25.59 -62.61
C ASP C 272 -42.81 -24.68 -61.40
N SER C 273 -41.74 -23.95 -61.04
CA SER C 273 -41.74 -23.00 -59.95
C SER C 273 -42.55 -21.76 -60.36
N VAL C 274 -43.43 -21.32 -59.45
CA VAL C 274 -44.15 -20.06 -59.57
C VAL C 274 -43.43 -18.98 -58.74
N ILE C 275 -43.03 -19.33 -57.52
CA ILE C 275 -42.43 -18.37 -56.60
C ILE C 275 -41.94 -19.08 -55.34
N GLN C 276 -40.72 -18.74 -54.94
CA GLN C 276 -40.14 -19.18 -53.70
C GLN C 276 -40.49 -18.15 -52.63
N LEU C 277 -41.10 -18.63 -51.54
CA LEU C 277 -41.48 -17.77 -50.44
C LEU C 277 -40.64 -18.13 -49.20
N THR C 278 -40.07 -17.12 -48.56
CA THR C 278 -39.29 -17.36 -47.36
C THR C 278 -39.73 -16.37 -46.27
N ALA C 279 -40.36 -16.92 -45.24
CA ALA C 279 -40.63 -16.20 -43.99
C ALA C 279 -39.41 -16.36 -43.08
N VAL C 280 -39.41 -15.65 -41.95
CA VAL C 280 -38.27 -15.69 -41.00
C VAL C 280 -38.80 -15.63 -39.56
N ASP C 281 -38.21 -16.50 -38.73
CA ASP C 281 -38.60 -16.69 -37.34
C ASP C 281 -37.34 -16.85 -36.48
N ALA C 282 -36.93 -15.74 -35.86
CA ALA C 282 -35.66 -15.71 -35.13
C ALA C 282 -35.62 -16.67 -33.93
N ASP C 283 -36.79 -17.17 -33.48
CA ASP C 283 -36.90 -18.01 -32.28
C ASP C 283 -36.14 -19.31 -32.50
N GLU C 284 -35.72 -19.95 -31.41
CA GLU C 284 -34.91 -21.17 -31.40
C GLU C 284 -35.79 -22.41 -31.45
N GLY C 285 -35.21 -23.50 -31.98
CA GLY C 285 -35.82 -24.83 -31.98
C GLY C 285 -37.05 -24.83 -32.87
N SER C 286 -38.15 -25.41 -32.37
CA SER C 286 -39.34 -25.50 -33.18
C SER C 286 -40.24 -24.26 -32.96
N ASN C 287 -39.78 -23.29 -32.15
CA ASN C 287 -40.45 -22.00 -32.05
C ASN C 287 -40.10 -21.16 -33.27
N GLY C 288 -39.12 -21.62 -34.07
CA GLY C 288 -38.74 -20.97 -35.32
C GLY C 288 -38.70 -21.89 -36.54
N GLU C 289 -39.20 -23.12 -36.39
CA GLU C 289 -39.52 -23.97 -37.55
C GLU C 289 -40.76 -23.38 -38.21
N ILE C 290 -40.68 -23.13 -39.52
CA ILE C 290 -41.75 -22.46 -40.23
C ILE C 290 -42.39 -23.46 -41.19
N THR C 291 -43.73 -23.43 -41.21
CA THR C 291 -44.56 -24.36 -41.94
C THR C 291 -45.46 -23.48 -42.86
N TYR C 292 -45.38 -23.71 -44.17
CA TYR C 292 -46.11 -22.91 -45.15
C TYR C 292 -47.37 -23.64 -45.63
N GLU C 293 -48.47 -22.89 -45.82
CA GLU C 293 -49.73 -23.48 -46.33
C GLU C 293 -50.59 -22.41 -47.03
N ILE C 294 -51.20 -22.80 -48.18
CA ILE C 294 -52.21 -21.98 -48.86
C ILE C 294 -53.56 -22.23 -48.19
N LEU C 295 -54.04 -21.25 -47.43
CA LEU C 295 -55.31 -21.38 -46.76
C LEU C 295 -56.39 -21.53 -47.83
N VAL C 296 -56.42 -20.57 -48.75
CA VAL C 296 -57.44 -20.51 -49.77
C VAL C 296 -56.84 -19.90 -51.04
N GLY C 297 -57.57 -20.07 -52.15
CA GLY C 297 -57.45 -19.24 -53.33
C GLY C 297 -56.74 -19.94 -54.47
N ALA C 298 -56.25 -21.17 -54.25
CA ALA C 298 -55.46 -21.89 -55.28
C ALA C 298 -56.34 -22.35 -56.46
N GLN C 299 -57.65 -22.48 -56.26
CA GLN C 299 -58.54 -22.93 -57.32
C GLN C 299 -57.95 -24.15 -58.03
N GLY C 300 -57.41 -25.08 -57.26
CA GLY C 300 -57.03 -26.40 -57.77
C GLY C 300 -55.69 -26.44 -58.47
N ASP C 301 -55.10 -25.26 -58.76
CA ASP C 301 -54.04 -25.12 -59.80
C ASP C 301 -52.66 -24.82 -59.21
N PHE C 302 -52.51 -24.81 -57.88
CA PHE C 302 -51.21 -24.52 -57.25
C PHE C 302 -51.08 -25.17 -55.88
N ILE C 303 -49.87 -25.60 -55.57
CA ILE C 303 -49.57 -26.13 -54.28
C ILE C 303 -48.30 -25.47 -53.76
N ILE C 304 -48.22 -25.34 -52.44
CA ILE C 304 -47.01 -24.90 -51.80
C ILE C 304 -46.45 -26.07 -51.00
N ASN C 305 -45.14 -26.20 -51.03
CA ASN C 305 -44.45 -27.17 -50.23
C ASN C 305 -44.50 -26.68 -48.77
N LYS C 306 -44.86 -27.57 -47.85
CA LYS C 306 -45.11 -27.16 -46.48
C LYS C 306 -43.82 -26.75 -45.78
N THR C 307 -42.66 -27.31 -46.16
CA THR C 307 -41.45 -27.02 -45.39
C THR C 307 -40.62 -25.94 -46.11
N THR C 308 -40.61 -25.91 -47.44
CA THR C 308 -39.72 -25.03 -48.23
C THR C 308 -40.38 -23.70 -48.61
N GLY C 309 -41.69 -23.68 -48.85
CA GLY C 309 -42.43 -22.45 -49.19
C GLY C 309 -42.44 -22.15 -50.68
N LEU C 310 -41.86 -23.06 -51.48
CA LEU C 310 -41.89 -22.98 -52.94
C LEU C 310 -43.30 -23.34 -53.45
N ILE C 311 -43.82 -22.50 -54.33
CA ILE C 311 -45.16 -22.64 -54.88
C ILE C 311 -45.02 -23.16 -56.32
N THR C 312 -45.55 -24.35 -56.57
CA THR C 312 -45.47 -24.95 -57.89
C THR C 312 -46.87 -25.09 -58.48
N ILE C 313 -46.90 -25.24 -59.81
CA ILE C 313 -48.12 -25.56 -60.54
C ILE C 313 -48.57 -26.99 -60.21
N ALA C 314 -49.87 -27.17 -60.03
CA ALA C 314 -50.44 -28.43 -59.53
C ALA C 314 -50.40 -29.51 -60.61
N PRO C 315 -50.44 -30.81 -60.22
CA PRO C 315 -50.46 -31.91 -61.19
C PRO C 315 -51.69 -31.99 -62.12
N GLY C 316 -51.41 -32.14 -63.41
CA GLY C 316 -52.38 -32.44 -64.45
C GLY C 316 -53.33 -31.29 -64.69
N VAL C 317 -52.74 -30.11 -64.92
CA VAL C 317 -53.44 -28.84 -64.81
C VAL C 317 -52.95 -27.93 -65.94
N GLU C 318 -53.89 -27.10 -66.44
CA GLU C 318 -53.72 -26.29 -67.61
C GLU C 318 -53.84 -24.82 -67.19
N MET C 319 -52.88 -24.00 -67.63
CA MET C 319 -52.93 -22.54 -67.48
C MET C 319 -53.70 -21.90 -68.65
N ILE C 320 -54.92 -21.41 -68.38
CA ILE C 320 -55.76 -20.64 -69.32
C ILE C 320 -55.34 -19.17 -69.21
N VAL C 321 -55.30 -18.43 -70.32
CA VAL C 321 -54.88 -17.00 -70.28
C VAL C 321 -55.95 -16.17 -69.56
N GLY C 322 -55.51 -15.03 -69.04
CA GLY C 322 -56.35 -14.02 -68.38
C GLY C 322 -56.92 -14.49 -67.05
N ARG C 323 -56.73 -15.78 -66.69
CA ARG C 323 -57.15 -16.29 -65.38
C ARG C 323 -56.32 -15.58 -64.29
N THR C 324 -57.00 -15.17 -63.22
CA THR C 324 -56.33 -14.55 -62.09
C THR C 324 -56.70 -15.25 -60.79
N TYR C 325 -55.74 -15.25 -59.85
CA TYR C 325 -55.83 -15.92 -58.57
C TYR C 325 -55.38 -14.97 -57.46
N ALA C 326 -55.83 -15.24 -56.23
CA ALA C 326 -55.37 -14.54 -55.04
C ALA C 326 -55.18 -15.58 -53.92
N LEU C 327 -53.98 -16.16 -53.87
CA LEU C 327 -53.61 -17.18 -52.85
C LEU C 327 -53.36 -16.48 -51.50
N THR C 328 -54.16 -16.81 -50.50
CA THR C 328 -53.82 -16.47 -49.13
C THR C 328 -52.82 -17.50 -48.59
N VAL C 329 -51.58 -17.07 -48.37
CA VAL C 329 -50.55 -17.99 -47.89
C VAL C 329 -50.26 -17.64 -46.43
N GLN C 330 -50.13 -18.68 -45.60
CA GLN C 330 -49.87 -18.55 -44.19
C GLN C 330 -48.53 -19.19 -43.86
N ALA C 331 -47.80 -18.57 -42.92
CA ALA C 331 -46.57 -19.08 -42.38
C ALA C 331 -46.75 -19.19 -40.87
N ALA C 332 -46.50 -20.39 -40.34
CA ALA C 332 -46.68 -20.65 -38.90
C ALA C 332 -45.44 -21.34 -38.35
N ASP C 333 -45.14 -21.10 -37.06
CA ASP C 333 -44.03 -21.80 -36.39
C ASP C 333 -44.59 -23.12 -35.82
N ASN C 334 -43.69 -23.96 -35.28
CA ASN C 334 -44.05 -25.26 -34.67
C ASN C 334 -44.00 -25.18 -33.14
N ALA C 335 -44.57 -24.11 -32.58
CA ALA C 335 -44.79 -24.03 -31.14
C ALA C 335 -46.09 -24.76 -30.85
N PRO C 336 -46.40 -25.09 -29.57
CA PRO C 336 -47.68 -25.71 -29.22
C PRO C 336 -48.84 -24.78 -29.56
N PRO C 337 -50.00 -25.30 -30.01
CA PRO C 337 -51.09 -24.45 -30.48
C PRO C 337 -51.43 -23.31 -29.50
N ALA C 338 -51.32 -23.62 -28.20
CA ALA C 338 -51.43 -22.66 -27.10
C ALA C 338 -50.77 -21.32 -27.48
N GLU C 339 -49.52 -21.37 -27.98
CA GLU C 339 -48.67 -20.19 -28.17
C GLU C 339 -47.97 -20.21 -29.53
N ARG C 340 -48.65 -20.78 -30.55
CA ARG C 340 -48.19 -20.81 -31.92
C ARG C 340 -48.51 -19.48 -32.59
N ARG C 341 -47.56 -18.97 -33.38
CA ARG C 341 -47.70 -17.70 -34.05
C ARG C 341 -47.70 -17.93 -35.57
N ASN C 342 -48.32 -16.98 -36.30
CA ASN C 342 -48.48 -17.08 -37.77
C ASN C 342 -48.59 -15.69 -38.41
N SER C 343 -48.43 -15.67 -39.73
CA SER C 343 -48.47 -14.44 -40.49
C SER C 343 -48.91 -14.77 -41.92
N ILE C 344 -49.65 -13.84 -42.53
CA ILE C 344 -50.29 -14.05 -43.80
C ILE C 344 -49.71 -13.06 -44.82
N CYS C 345 -49.53 -13.57 -46.05
CA CYS C 345 -49.34 -12.72 -47.20
C CYS C 345 -50.31 -13.19 -48.29
N THR C 346 -50.41 -12.37 -49.36
CA THR C 346 -51.26 -12.70 -50.48
C THR C 346 -50.45 -12.60 -51.77
N VAL C 347 -50.55 -13.65 -52.57
CA VAL C 347 -49.81 -13.81 -53.79
C VAL C 347 -50.82 -13.75 -54.93
N TYR C 348 -50.66 -12.74 -55.79
CA TYR C 348 -51.52 -12.52 -56.92
C TYR C 348 -50.89 -13.16 -58.16
N ILE C 349 -51.70 -13.88 -58.93
CA ILE C 349 -51.20 -14.55 -60.12
C ILE C 349 -52.13 -14.25 -61.30
N GLU C 350 -51.52 -13.91 -62.44
CA GLU C 350 -52.21 -13.72 -63.70
C GLU C 350 -51.45 -14.47 -64.79
N VAL C 351 -52.21 -15.04 -65.74
CA VAL C 351 -51.67 -15.90 -66.77
C VAL C 351 -51.52 -15.07 -68.05
N LEU C 352 -50.29 -14.99 -68.55
CA LEU C 352 -49.97 -14.24 -69.76
C LEU C 352 -49.79 -15.20 -70.93
N PRO C 353 -49.66 -14.69 -72.19
CA PRO C 353 -49.38 -15.56 -73.35
C PRO C 353 -47.89 -15.90 -73.41
N PRO C 354 -47.50 -17.00 -74.09
CA PRO C 354 -46.08 -17.39 -74.15
C PRO C 354 -45.18 -16.32 -74.80
N LEU C 355 -43.87 -16.61 -74.85
CA LEU C 355 -42.85 -15.64 -75.30
C LEU C 355 -42.28 -16.09 -76.66
CA CA D . -23.71 9.96 -0.53
CA CA E . 10.32 -5.69 -22.45
CA CA F . 9.15 -8.73 -19.51
CA CA G . 16.22 -6.52 -25.77
NA NA H . -28.48 14.94 0.50
CA CA I . 43.48 21.70 14.77
CA CA J . 21.40 -11.68 -2.41
CA CA K . 19.22 -16.66 -6.35
CA CA L . 21.37 -12.50 1.61
CA CA M . -14.96 -9.78 7.59
CA CA N . -37.39 -16.16 -28.64
CA CA O . -36.79 -12.30 -28.16
CA CA P . -41.74 -18.17 -33.37
CA CA Q . -10.88 -12.17 12.65
#